data_6XWM
#
_entry.id   6XWM
#
_cell.length_a   77.848
_cell.length_b   83.985
_cell.length_c   86.939
_cell.angle_alpha   65.380
_cell.angle_beta   89.770
_cell.angle_gamma   64.560
#
_symmetry.space_group_name_H-M   'P 1'
#
loop_
_entity.id
_entity.type
_entity.pdbx_description
1 polymer 'Na(+):neurotransmitter symporter (Snf family)'
2 non-polymer PHENYLALANINE
3 non-polymer 'SODIUM ION'
4 water water
#
_entity_poly.entity_id   1
_entity_poly.type   'polypeptide(L)'
_entity_poly.pdbx_seq_one_letter_code
;MEVKREHAATRLGLILAMAGNAVGLGNFLRFPVQAAENGGGAFMIPYIIAFLLVGIPLMWIEWAMGRYGGAQGHGTTPAI
FYLLWRNRFAKILGVFGLWIPLVVAIYYVYIESWTLGFAIKFLVGLVPEPPPNATDPDSILRPFKEFLYSYIGVPKGDEP
ILKPSLFAYIVFLITMFINVSILIRGISKGIERFAKIAMPTLFILAVFLVIRVFLLETPNGTAADGLNFLWTPDFEKLKD
PGVWIAAVGQIFFTLSLGFGAIITYASYVRKDQDIVLSGLTAATLNEKAEVILGGSISIPAAVAFFGVANAVAIAKAGAF
NLGFITLPAIFSQTAGGTFLGFLWFFLLFFAGLTSSIAIMQPMIAFLEDELKLSRKHAVLWTAAIVFFSAHLVMFLNKSL
DEMDFWAGTIGVVFFGLTELIIFFWIFGADKAWEEINRGGIIKVPRIYYYVMRYITPAFLAVLLVVWAREYIPKIMEETH
WTVWITRFYIIGLFLFLTFLVFLAERRRNHESAGTLVPR
;
_entity_poly.pdbx_strand_id   A,B
#
loop_
_chem_comp.id
_chem_comp.type
_chem_comp.name
_chem_comp.formula
NA non-polymer 'SODIUM ION' 'Na 1'
#
# COMPACT_ATOMS: atom_id res chain seq x y z
N GLY A 13 20.95 -35.03 -13.42
CA GLY A 13 21.11 -34.95 -11.98
C GLY A 13 20.03 -34.16 -11.29
N LEU A 14 19.38 -34.78 -10.30
CA LEU A 14 18.34 -34.11 -9.53
C LEU A 14 18.90 -33.18 -8.47
N ILE A 15 20.21 -33.23 -8.21
CA ILE A 15 20.81 -32.28 -7.28
C ILE A 15 21.09 -30.94 -7.95
N LEU A 16 21.13 -30.90 -9.28
CA LEU A 16 21.37 -29.65 -9.99
C LEU A 16 20.12 -28.76 -10.00
N ALA A 17 18.93 -29.37 -10.05
CA ALA A 17 17.70 -28.58 -9.96
C ALA A 17 17.47 -28.08 -8.54
N MET A 18 17.96 -28.80 -7.54
CA MET A 18 17.88 -28.33 -6.16
C MET A 18 18.88 -27.21 -5.88
N ALA A 19 19.95 -27.12 -6.66
CA ALA A 19 20.90 -26.03 -6.54
C ALA A 19 20.74 -24.98 -7.63
N GLY A 20 19.90 -25.23 -8.64
CA GLY A 20 19.68 -24.22 -9.66
C GLY A 20 18.92 -23.03 -9.13
N ASN A 21 18.11 -23.23 -8.10
CA ASN A 21 17.47 -22.12 -7.42
C ASN A 21 18.26 -21.66 -6.21
N ALA A 22 19.13 -22.52 -5.67
CA ALA A 22 19.94 -22.12 -4.52
C ALA A 22 21.06 -21.18 -4.95
N VAL A 23 21.72 -21.49 -6.05
CA VAL A 23 22.82 -20.66 -6.56
C VAL A 23 22.22 -19.49 -7.32
N GLY A 24 22.34 -18.29 -6.77
CA GLY A 24 21.80 -17.10 -7.39
C GLY A 24 22.49 -15.84 -6.91
N LEU A 25 21.70 -14.77 -6.81
CA LEU A 25 22.26 -13.47 -6.42
C LEU A 25 22.82 -13.52 -5.00
N GLY A 26 22.29 -14.40 -4.14
CA GLY A 26 22.79 -14.47 -2.78
C GLY A 26 24.24 -14.92 -2.70
N ASN A 27 24.70 -15.66 -3.71
CA ASN A 27 26.04 -16.22 -3.66
C ASN A 27 27.10 -15.22 -4.08
N PHE A 28 26.86 -14.46 -5.15
CA PHE A 28 27.87 -13.59 -5.72
C PHE A 28 27.68 -12.12 -5.38
N LEU A 29 26.54 -11.75 -4.82
CA LEU A 29 26.29 -10.34 -4.54
C LEU A 29 25.92 -10.07 -3.09
N ARG A 30 25.07 -10.89 -2.49
CA ARG A 30 24.63 -10.64 -1.12
C ARG A 30 25.68 -11.09 -0.10
N PHE A 31 26.38 -12.19 -0.38
CA PHE A 31 27.39 -12.67 0.56
C PHE A 31 28.56 -11.71 0.73
N PRO A 32 29.17 -11.17 -0.33
CA PRO A 32 30.26 -10.19 -0.10
C PRO A 32 29.81 -8.99 0.70
N VAL A 33 28.57 -8.54 0.50
CA VAL A 33 28.05 -7.41 1.27
C VAL A 33 27.89 -7.79 2.73
N GLN A 34 27.23 -8.91 2.99
CA GLN A 34 26.96 -9.32 4.38
C GLN A 34 28.24 -9.60 5.14
N ALA A 35 29.29 -10.04 4.46
CA ALA A 35 30.52 -10.37 5.15
C ALA A 35 31.37 -9.13 5.43
N ALA A 36 31.41 -8.19 4.48
CA ALA A 36 32.28 -7.03 4.64
C ALA A 36 31.69 -5.99 5.59
N GLU A 37 30.36 -5.84 5.61
CA GLU A 37 29.75 -4.86 6.50
C GLU A 37 29.71 -5.31 7.95
N ASN A 38 29.84 -6.61 8.20
CA ASN A 38 29.79 -7.15 9.56
C ASN A 38 31.16 -7.48 10.13
N GLY A 39 32.23 -7.16 9.41
CA GLY A 39 33.57 -7.32 9.95
C GLY A 39 34.49 -8.22 9.15
N GLY A 40 33.99 -9.37 8.71
CA GLY A 40 34.85 -10.34 8.06
C GLY A 40 35.69 -11.08 9.06
N GLY A 41 35.59 -12.41 9.08
CA GLY A 41 36.23 -13.17 10.13
C GLY A 41 35.32 -13.27 11.35
N ALA A 42 34.97 -12.11 11.92
CA ALA A 42 33.94 -12.07 12.95
C ALA A 42 32.57 -12.49 12.42
N PHE A 43 32.36 -12.34 11.10
CA PHE A 43 31.14 -12.82 10.45
C PHE A 43 31.24 -14.27 10.03
N MET A 44 32.45 -14.76 9.75
CA MET A 44 32.61 -16.10 9.21
C MET A 44 32.50 -17.18 10.27
N ILE A 45 32.79 -16.86 11.53
CA ILE A 45 32.74 -17.85 12.59
C ILE A 45 31.28 -18.26 12.85
N PRO A 46 30.34 -17.33 13.07
CA PRO A 46 28.94 -17.76 13.19
C PRO A 46 28.36 -18.26 11.89
N TYR A 47 28.89 -17.80 10.75
CA TYR A 47 28.39 -18.27 9.46
C TYR A 47 28.63 -19.76 9.27
N ILE A 48 29.75 -20.28 9.78
CA ILE A 48 30.02 -21.71 9.69
C ILE A 48 29.16 -22.48 10.69
N ILE A 49 29.00 -21.95 11.90
CA ILE A 49 28.16 -22.60 12.91
C ILE A 49 26.71 -22.64 12.44
N ALA A 50 26.24 -21.57 11.80
CA ALA A 50 24.88 -21.53 11.30
C ALA A 50 24.66 -22.57 10.20
N PHE A 51 25.68 -22.82 9.38
CA PHE A 51 25.55 -23.83 8.34
C PHE A 51 25.49 -25.23 8.92
N LEU A 52 26.18 -25.47 10.04
CA LEU A 52 26.23 -26.81 10.60
C LEU A 52 25.03 -27.08 11.51
N LEU A 53 24.80 -26.22 12.50
CA LEU A 53 23.76 -26.47 13.49
C LEU A 53 22.38 -26.04 13.04
N VAL A 54 22.27 -25.15 12.05
CA VAL A 54 21.00 -24.55 11.66
C VAL A 54 20.69 -24.78 10.19
N GLY A 55 21.65 -24.47 9.31
CA GLY A 55 21.37 -24.51 7.88
C GLY A 55 21.12 -25.92 7.36
N ILE A 56 22.04 -26.85 7.66
CA ILE A 56 21.90 -28.22 7.17
C ILE A 56 20.64 -28.90 7.71
N PRO A 57 20.38 -28.92 9.03
CA PRO A 57 19.19 -29.65 9.49
C PRO A 57 17.88 -29.05 9.02
N LEU A 58 17.78 -27.72 8.88
CA LEU A 58 16.54 -27.12 8.41
C LEU A 58 16.28 -27.47 6.95
N MET A 59 17.34 -27.72 6.17
CA MET A 59 17.16 -28.26 4.82
C MET A 59 16.43 -29.59 4.87
N TRP A 60 16.81 -30.47 5.81
CA TRP A 60 16.10 -31.73 5.97
C TRP A 60 14.69 -31.53 6.49
N ILE A 61 14.44 -30.45 7.22
CA ILE A 61 13.11 -30.20 7.78
C ILE A 61 12.13 -29.80 6.67
N GLU A 62 12.52 -28.82 5.84
CA GLU A 62 11.58 -28.28 4.86
C GLU A 62 11.24 -29.30 3.79
N TRP A 63 12.20 -30.13 3.38
CA TRP A 63 11.89 -31.19 2.43
C TRP A 63 10.99 -32.26 3.05
N ALA A 64 11.16 -32.53 4.35
CA ALA A 64 10.29 -33.49 5.01
C ALA A 64 8.88 -32.93 5.22
N MET A 65 8.79 -31.65 5.60
CA MET A 65 7.47 -31.03 5.75
C MET A 65 6.75 -30.94 4.41
N GLY A 66 7.48 -30.64 3.34
CA GLY A 66 6.85 -30.41 2.05
C GLY A 66 6.26 -31.68 1.46
N ARG A 67 7.01 -32.77 1.49
CA ARG A 67 6.49 -34.02 0.93
C ARG A 67 5.43 -34.65 1.83
N TYR A 68 5.42 -34.30 3.12
CA TYR A 68 4.37 -34.80 4.00
C TYR A 68 3.02 -34.18 3.65
N GLY A 69 2.94 -32.85 3.68
CA GLY A 69 1.72 -32.18 3.28
C GLY A 69 1.45 -32.31 1.79
N GLY A 70 2.51 -32.42 0.98
CA GLY A 70 2.33 -32.63 -0.45
C GLY A 70 1.74 -33.97 -0.80
N ALA A 71 1.91 -34.97 0.07
CA ALA A 71 1.28 -36.27 -0.14
C ALA A 71 -0.23 -36.22 0.03
N GLN A 72 -0.77 -35.13 0.59
CA GLN A 72 -2.22 -34.95 0.75
C GLN A 72 -2.74 -33.78 -0.06
N GLY A 73 -1.99 -33.34 -1.08
CA GLY A 73 -2.45 -32.28 -1.95
C GLY A 73 -2.33 -30.89 -1.37
N HIS A 74 -1.32 -30.63 -0.56
CA HIS A 74 -1.08 -29.31 0.01
C HIS A 74 0.31 -28.84 -0.41
N GLY A 75 0.37 -27.73 -1.14
CA GLY A 75 1.63 -27.16 -1.55
C GLY A 75 1.92 -25.82 -0.92
N THR A 76 0.92 -25.27 -0.23
CA THR A 76 1.02 -23.96 0.38
C THR A 76 1.36 -24.08 1.86
N THR A 77 2.02 -23.04 2.39
CA THR A 77 2.48 -23.08 3.77
C THR A 77 1.33 -23.07 4.79
N PRO A 78 0.33 -22.20 4.70
CA PRO A 78 -0.74 -22.23 5.71
C PRO A 78 -1.51 -23.55 5.72
N ALA A 79 -1.66 -24.19 4.56
CA ALA A 79 -2.37 -25.47 4.52
C ALA A 79 -1.55 -26.58 5.16
N ILE A 80 -0.23 -26.47 5.13
CA ILE A 80 0.63 -27.49 5.72
C ILE A 80 0.82 -27.27 7.22
N PHE A 81 0.93 -26.01 7.65
CA PHE A 81 0.99 -25.73 9.08
C PHE A 81 -0.29 -26.17 9.78
N TYR A 82 -1.44 -25.88 9.18
CA TYR A 82 -2.72 -26.33 9.74
C TYR A 82 -2.84 -27.85 9.68
N LEU A 83 -2.20 -28.48 8.70
CA LEU A 83 -2.18 -29.94 8.64
C LEU A 83 -1.26 -30.53 9.71
N LEU A 84 -0.19 -29.82 10.06
CA LEU A 84 0.70 -30.25 11.13
C LEU A 84 0.24 -29.80 12.51
N TRP A 85 -0.57 -28.74 12.58
CA TRP A 85 -1.07 -28.21 13.85
C TRP A 85 -2.43 -27.58 13.58
N ARG A 86 -3.49 -28.28 13.95
CA ARG A 86 -4.85 -27.80 13.71
C ARG A 86 -5.16 -26.61 14.61
N ASN A 87 -4.88 -25.40 14.12
CA ASN A 87 -5.17 -24.18 14.86
C ASN A 87 -5.15 -23.02 13.88
N ARG A 88 -6.09 -22.08 14.05
CA ARG A 88 -6.12 -20.90 13.19
C ARG A 88 -4.91 -20.01 13.38
N PHE A 89 -4.21 -20.14 14.51
CA PHE A 89 -2.95 -19.43 14.69
C PHE A 89 -1.84 -20.01 13.82
N ALA A 90 -1.96 -21.27 13.40
CA ALA A 90 -0.97 -21.86 12.52
C ALA A 90 -1.10 -21.32 11.10
N LYS A 91 -2.34 -21.10 10.63
CA LYS A 91 -2.54 -20.54 9.30
C LYS A 91 -2.07 -19.09 9.24
N ILE A 92 -2.13 -18.37 10.36
CA ILE A 92 -1.62 -17.00 10.40
C ILE A 92 -0.09 -17.01 10.26
N LEU A 93 0.58 -17.90 10.98
CA LEU A 93 2.03 -18.01 10.85
C LEU A 93 2.44 -18.52 9.48
N GLY A 94 1.56 -19.24 8.78
CA GLY A 94 1.86 -19.70 7.44
C GLY A 94 1.86 -18.61 6.39
N VAL A 95 1.37 -17.41 6.74
CA VAL A 95 1.37 -16.30 5.79
C VAL A 95 2.79 -15.86 5.48
N PHE A 96 3.71 -16.03 6.42
CA PHE A 96 5.11 -15.70 6.16
C PHE A 96 5.67 -16.54 5.03
N GLY A 97 5.17 -17.76 4.85
CA GLY A 97 5.53 -18.57 3.70
C GLY A 97 5.13 -17.98 2.37
N LEU A 98 4.28 -16.95 2.39
CA LEU A 98 3.96 -16.17 1.20
C LEU A 98 4.53 -14.76 1.26
N TRP A 99 4.64 -14.17 2.45
CA TRP A 99 5.08 -12.79 2.59
C TRP A 99 6.58 -12.65 2.32
N ILE A 100 7.38 -13.54 2.90
CA ILE A 100 8.83 -13.46 2.71
C ILE A 100 9.23 -13.58 1.25
N PRO A 101 8.80 -14.59 0.48
CA PRO A 101 9.21 -14.64 -0.93
C PRO A 101 8.66 -13.47 -1.74
N LEU A 102 7.48 -12.97 -1.41
CA LEU A 102 6.92 -11.85 -2.14
C LEU A 102 7.74 -10.58 -1.91
N VAL A 103 8.11 -10.30 -0.65
CA VAL A 103 8.90 -9.11 -0.36
C VAL A 103 10.28 -9.22 -0.99
N VAL A 104 10.91 -10.39 -0.90
CA VAL A 104 12.22 -10.58 -1.51
C VAL A 104 12.14 -10.39 -3.01
N ALA A 105 11.10 -10.95 -3.65
CA ALA A 105 10.92 -10.79 -5.08
C ALA A 105 10.72 -9.33 -5.50
N ILE A 106 10.24 -8.48 -4.59
CA ILE A 106 10.01 -7.08 -4.93
C ILE A 106 11.33 -6.38 -5.27
N TYR A 107 12.44 -6.81 -4.67
CA TYR A 107 13.74 -6.26 -5.02
C TYR A 107 14.67 -7.25 -5.71
N TYR A 108 14.45 -8.56 -5.54
CA TYR A 108 15.35 -9.55 -6.12
C TYR A 108 15.35 -9.47 -7.65
N VAL A 109 14.16 -9.37 -8.25
CA VAL A 109 14.07 -9.23 -9.71
C VAL A 109 14.73 -7.94 -10.16
N TYR A 110 14.66 -6.90 -9.34
CA TYR A 110 15.29 -5.62 -9.68
C TYR A 110 16.81 -5.75 -9.67
N ILE A 111 17.36 -6.36 -8.61
CA ILE A 111 18.81 -6.64 -8.58
C ILE A 111 19.20 -7.52 -9.75
N GLU A 112 18.34 -8.49 -10.09
CA GLU A 112 18.59 -9.35 -11.24
C GLU A 112 18.64 -8.54 -12.53
N SER A 113 17.79 -7.52 -12.65
CA SER A 113 17.82 -6.66 -13.83
C SER A 113 19.09 -5.82 -13.91
N TRP A 114 19.75 -5.55 -12.77
CA TRP A 114 21.01 -4.84 -12.80
C TRP A 114 22.08 -5.66 -13.53
N THR A 115 22.11 -6.97 -13.29
CA THR A 115 23.11 -7.82 -13.95
C THR A 115 22.87 -7.89 -15.45
N LEU A 116 21.61 -7.88 -15.87
CA LEU A 116 21.32 -7.86 -17.31
C LEU A 116 21.71 -6.52 -17.92
N GLY A 117 21.47 -5.43 -17.20
CA GLY A 117 21.86 -4.12 -17.71
C GLY A 117 23.36 -3.96 -17.81
N PHE A 118 24.10 -4.55 -16.88
CA PHE A 118 25.56 -4.49 -16.95
C PHE A 118 26.09 -5.41 -18.05
N ALA A 119 25.40 -6.52 -18.31
CA ALA A 119 25.82 -7.41 -19.39
C ALA A 119 25.64 -6.74 -20.75
N ILE A 120 24.53 -6.04 -20.94
CA ILE A 120 24.31 -5.32 -22.19
C ILE A 120 25.36 -4.22 -22.37
N LYS A 121 25.72 -3.55 -21.28
CA LYS A 121 26.72 -2.48 -21.37
C LYS A 121 28.10 -3.04 -21.72
N PHE A 122 28.45 -4.20 -21.17
CA PHE A 122 29.76 -4.77 -21.47
C PHE A 122 29.82 -5.33 -22.89
N LEU A 123 28.72 -5.95 -23.34
CA LEU A 123 28.67 -6.44 -24.72
C LEU A 123 28.86 -5.30 -25.71
N VAL A 124 28.23 -4.15 -25.45
CA VAL A 124 28.35 -3.00 -26.35
C VAL A 124 29.61 -2.18 -26.09
N GLY A 125 30.31 -2.44 -24.99
CA GLY A 125 31.58 -1.80 -24.72
C GLY A 125 31.55 -0.68 -23.71
N LEU A 126 30.38 -0.30 -23.19
CA LEU A 126 30.30 0.76 -22.19
C LEU A 126 30.79 0.25 -20.85
N VAL A 127 32.07 0.47 -20.55
CA VAL A 127 32.69 -0.07 -19.34
C VAL A 127 33.33 1.05 -18.53
N PRO A 128 33.46 0.89 -17.22
CA PRO A 128 34.21 1.86 -16.42
C PRO A 128 35.70 1.60 -16.45
N GLU A 129 36.48 2.67 -16.40
CA GLU A 129 37.93 2.58 -16.49
C GLU A 129 38.58 3.33 -15.32
N PRO A 130 39.69 2.83 -14.80
CA PRO A 130 40.41 3.56 -13.75
C PRO A 130 40.96 4.85 -14.30
N PRO A 131 41.17 5.84 -13.44
CA PRO A 131 41.67 7.14 -13.90
C PRO A 131 43.08 7.02 -14.44
N PRO A 132 43.50 7.96 -15.29
CA PRO A 132 44.86 7.86 -15.87
C PRO A 132 45.97 7.96 -14.83
N ASN A 133 45.86 8.93 -13.91
CA ASN A 133 46.89 9.15 -12.89
C ASN A 133 46.17 9.31 -11.55
N ALA A 134 45.99 8.21 -10.84
CA ALA A 134 45.32 8.26 -9.55
C ALA A 134 46.15 7.52 -8.49
N THR A 135 46.14 6.19 -8.54
CA THR A 135 46.93 5.34 -7.64
C THR A 135 46.60 5.60 -6.17
N ASP A 136 45.36 5.99 -5.87
CA ASP A 136 44.89 6.17 -4.51
C ASP A 136 43.45 5.70 -4.43
N PRO A 137 43.02 5.16 -3.27
CA PRO A 137 41.76 4.40 -3.24
C PRO A 137 40.54 5.19 -3.68
N ASP A 138 40.34 6.40 -3.14
CA ASP A 138 39.11 7.14 -3.44
C ASP A 138 39.06 7.61 -4.90
N SER A 139 40.22 7.87 -5.51
CA SER A 139 40.21 8.35 -6.89
C SER A 139 39.93 7.24 -7.88
N ILE A 140 40.44 6.03 -7.63
CA ILE A 140 40.15 4.92 -8.54
C ILE A 140 38.80 4.28 -8.23
N LEU A 141 38.25 4.52 -7.04
CA LEU A 141 36.90 4.04 -6.74
C LEU A 141 35.85 4.85 -7.48
N ARG A 142 36.10 6.15 -7.68
CA ARG A 142 35.08 7.04 -8.24
C ARG A 142 34.55 6.58 -9.59
N PRO A 143 35.37 6.18 -10.57
CA PRO A 143 34.78 5.74 -11.85
C PRO A 143 33.89 4.52 -11.71
N PHE A 144 34.27 3.56 -10.87
CA PHE A 144 33.46 2.36 -10.71
C PHE A 144 32.25 2.60 -9.83
N LYS A 145 32.35 3.49 -8.85
CA LYS A 145 31.18 3.83 -8.04
C LYS A 145 30.14 4.57 -8.86
N GLU A 146 30.58 5.57 -9.64
CA GLU A 146 29.64 6.34 -10.47
C GLU A 146 29.04 5.51 -11.58
N PHE A 147 29.72 4.45 -12.02
CA PHE A 147 29.15 3.57 -13.05
C PHE A 147 27.89 2.89 -12.54
N LEU A 148 27.89 2.47 -11.27
CA LEU A 148 26.70 1.87 -10.67
C LEU A 148 25.70 2.93 -10.21
N TYR A 149 26.19 3.97 -9.53
CA TYR A 149 25.29 4.94 -8.90
C TYR A 149 24.49 5.73 -9.92
N SER A 150 25.06 6.03 -11.09
CA SER A 150 24.30 6.71 -12.13
C SER A 150 23.36 5.78 -12.88
N TYR A 151 23.54 4.47 -12.74
CA TYR A 151 22.60 3.51 -13.31
C TYR A 151 21.39 3.32 -12.40
N ILE A 152 21.62 3.14 -11.11
CA ILE A 152 20.53 2.97 -10.15
C ILE A 152 20.05 4.29 -9.57
N GLY A 153 20.73 5.39 -9.86
CA GLY A 153 20.21 6.71 -9.51
C GLY A 153 20.46 7.17 -8.09
N VAL A 154 21.62 6.86 -7.54
CA VAL A 154 21.96 7.30 -6.19
C VAL A 154 22.39 8.77 -6.23
N PRO A 155 21.73 9.65 -5.49
CA PRO A 155 22.15 11.06 -5.47
C PRO A 155 23.25 11.31 -4.44
N LYS A 156 23.58 12.58 -4.23
CA LYS A 156 24.54 12.98 -3.22
C LYS A 156 23.81 13.71 -2.10
N GLY A 157 24.28 13.50 -0.87
CA GLY A 157 23.70 14.13 0.30
C GLY A 157 22.61 13.33 0.97
N ASP A 158 22.48 12.04 0.64
CA ASP A 158 21.46 11.16 1.21
C ASP A 158 20.05 11.72 1.00
N GLU A 159 19.82 12.29 -0.19
CA GLU A 159 18.48 12.73 -0.55
C GLU A 159 17.60 11.50 -0.77
N PRO A 160 16.31 11.55 -0.39
CA PRO A 160 15.52 10.33 -0.31
C PRO A 160 15.03 9.79 -1.64
N ILE A 161 15.06 10.57 -2.72
CA ILE A 161 14.50 10.15 -4.00
C ILE A 161 15.62 9.68 -4.91
N LEU A 162 15.49 8.46 -5.42
CA LEU A 162 16.43 7.94 -6.41
C LEU A 162 15.97 8.31 -7.82
N LYS A 163 16.94 8.52 -8.70
CA LYS A 163 16.69 8.88 -10.09
C LYS A 163 17.38 7.88 -11.01
N PRO A 164 16.88 6.65 -11.08
CA PRO A 164 17.51 5.67 -11.97
C PRO A 164 17.38 6.07 -13.43
N SER A 165 18.31 5.60 -14.25
CA SER A 165 18.32 5.96 -15.65
C SER A 165 17.19 5.27 -16.40
N LEU A 166 16.82 5.84 -17.54
CA LEU A 166 15.77 5.24 -18.37
C LEU A 166 16.18 3.85 -18.84
N PHE A 167 17.47 3.66 -19.10
CA PHE A 167 17.96 2.34 -19.49
C PHE A 167 17.73 1.32 -18.38
N ALA A 168 17.95 1.72 -17.13
CA ALA A 168 17.75 0.80 -16.02
C ALA A 168 16.28 0.44 -15.86
N TYR A 169 15.37 1.39 -16.10
CA TYR A 169 13.95 1.10 -16.00
C TYR A 169 13.51 0.17 -17.12
N ILE A 170 13.99 0.41 -18.34
CA ILE A 170 13.61 -0.43 -19.48
C ILE A 170 14.13 -1.85 -19.30
N VAL A 171 15.37 -1.98 -18.81
CA VAL A 171 15.93 -3.31 -18.58
C VAL A 171 15.14 -4.04 -17.49
N PHE A 172 14.61 -3.30 -16.51
CA PHE A 172 13.75 -3.92 -15.50
C PHE A 172 12.48 -4.48 -16.14
N LEU A 173 11.87 -3.71 -17.05
CA LEU A 173 10.69 -4.19 -17.76
C LEU A 173 11.00 -5.47 -18.53
N ILE A 174 12.13 -5.50 -19.23
CA ILE A 174 12.51 -6.67 -20.02
C ILE A 174 12.73 -7.86 -19.09
N THR A 175 13.33 -7.64 -17.93
CA THR A 175 13.57 -8.72 -16.99
C THR A 175 12.25 -9.28 -16.44
N MET A 176 11.29 -8.41 -16.15
CA MET A 176 9.96 -8.88 -15.75
C MET A 176 9.31 -9.69 -16.85
N PHE A 177 9.46 -9.25 -18.10
CA PHE A 177 8.88 -9.97 -19.23
C PHE A 177 9.51 -11.35 -19.41
N ILE A 178 10.79 -11.49 -19.08
CA ILE A 178 11.45 -12.78 -19.22
C ILE A 178 11.00 -13.74 -18.11
N ASN A 179 10.85 -13.22 -16.89
CA ASN A 179 10.39 -14.06 -15.79
C ASN A 179 8.95 -14.53 -16.02
N VAL A 180 8.08 -13.64 -16.53
CA VAL A 180 6.69 -13.99 -16.73
C VAL A 180 6.55 -15.03 -17.85
N SER A 181 7.25 -14.81 -18.96
CA SER A 181 7.14 -15.72 -20.10
C SER A 181 7.66 -17.11 -19.77
N ILE A 182 8.53 -17.26 -18.78
CA ILE A 182 8.98 -18.58 -18.37
C ILE A 182 8.00 -19.21 -17.40
N LEU A 183 7.45 -18.41 -16.47
CA LEU A 183 6.50 -18.94 -15.50
C LEU A 183 5.22 -19.42 -16.17
N ILE A 184 4.87 -18.84 -17.31
CA ILE A 184 3.67 -19.24 -18.04
C ILE A 184 3.97 -20.39 -19.00
N ARG A 185 5.00 -20.23 -19.85
CA ARG A 185 5.31 -21.24 -20.84
C ARG A 185 5.93 -22.49 -20.22
N GLY A 186 6.70 -22.31 -19.15
CA GLY A 186 7.41 -23.41 -18.53
C GLY A 186 8.86 -23.48 -19.00
N ILE A 187 9.58 -24.44 -18.44
CA ILE A 187 10.98 -24.63 -18.80
C ILE A 187 11.06 -25.19 -20.22
N SER A 188 11.75 -24.46 -21.09
CA SER A 188 11.83 -24.81 -22.50
C SER A 188 12.99 -25.78 -22.75
N LYS A 189 13.06 -26.28 -23.98
CA LYS A 189 14.16 -27.17 -24.35
C LYS A 189 15.43 -26.40 -24.65
N GLY A 190 15.30 -25.24 -25.32
CA GLY A 190 16.47 -24.39 -25.51
C GLY A 190 17.04 -23.87 -24.21
N ILE A 191 16.17 -23.64 -23.22
CA ILE A 191 16.65 -23.26 -21.89
C ILE A 191 17.43 -24.40 -21.26
N GLU A 192 16.98 -25.64 -21.46
CA GLU A 192 17.71 -26.78 -20.92
C GLU A 192 19.06 -26.95 -21.63
N ARG A 193 19.11 -26.69 -22.93
CA ARG A 193 20.37 -26.72 -23.64
C ARG A 193 21.27 -25.56 -23.22
N PHE A 194 20.68 -24.42 -22.86
CA PHE A 194 21.47 -23.29 -22.38
C PHE A 194 21.93 -23.50 -20.94
N ALA A 195 21.15 -24.23 -20.13
CA ALA A 195 21.53 -24.43 -18.74
C ALA A 195 22.74 -25.35 -18.62
N LYS A 196 22.79 -26.42 -19.43
CA LYS A 196 23.93 -27.33 -19.38
C LYS A 196 25.19 -26.73 -19.98
N ILE A 197 25.08 -25.60 -20.67
CA ILE A 197 26.27 -24.87 -21.12
C ILE A 197 26.71 -23.84 -20.09
N ALA A 198 25.75 -23.24 -19.36
CA ALA A 198 26.08 -22.18 -18.42
C ALA A 198 26.67 -22.71 -17.12
N MET A 199 26.27 -23.91 -16.70
CA MET A 199 26.80 -24.46 -15.46
C MET A 199 28.30 -24.72 -15.52
N PRO A 200 28.86 -25.33 -16.57
CA PRO A 200 30.33 -25.37 -16.66
C PRO A 200 30.95 -24.02 -16.93
N THR A 201 30.33 -23.22 -17.81
CA THR A 201 30.89 -21.92 -18.15
C THR A 201 31.00 -21.02 -16.91
N LEU A 202 30.01 -21.07 -16.03
CA LEU A 202 30.08 -20.28 -14.81
C LEU A 202 31.15 -20.81 -13.87
N PHE A 203 31.24 -22.14 -13.73
CA PHE A 203 32.21 -22.76 -12.85
C PHE A 203 33.53 -23.08 -13.54
N ILE A 204 33.77 -22.52 -14.71
CA ILE A 204 35.10 -22.42 -15.29
C ILE A 204 35.61 -20.99 -15.26
N LEU A 205 34.74 -20.02 -15.61
CA LEU A 205 35.09 -18.62 -15.47
C LEU A 205 35.40 -18.28 -14.01
N ALA A 206 34.69 -18.92 -13.08
CA ALA A 206 34.97 -18.69 -11.66
C ALA A 206 36.34 -19.21 -11.27
N VAL A 207 36.81 -20.28 -11.91
CA VAL A 207 38.14 -20.80 -11.63
C VAL A 207 39.21 -19.81 -12.08
N PHE A 208 39.05 -19.25 -13.28
CA PHE A 208 40.02 -18.28 -13.77
C PHE A 208 40.02 -17.02 -12.91
N LEU A 209 38.85 -16.59 -12.44
CA LEU A 209 38.75 -15.36 -11.67
C LEU A 209 39.27 -15.50 -10.25
N VAL A 210 39.36 -16.71 -9.72
CA VAL A 210 40.04 -16.92 -8.45
C VAL A 210 41.55 -16.85 -8.63
N ILE A 211 42.04 -17.37 -9.76
CA ILE A 211 43.46 -17.26 -10.06
C ILE A 211 43.83 -15.82 -10.36
N ARG A 212 43.03 -15.14 -11.18
CA ARG A 212 43.30 -13.76 -11.55
C ARG A 212 43.33 -12.85 -10.32
N VAL A 213 42.38 -13.04 -9.40
CA VAL A 213 42.29 -12.15 -8.25
C VAL A 213 43.44 -12.40 -7.29
N PHE A 214 44.00 -13.61 -7.27
CA PHE A 214 45.01 -13.95 -6.26
C PHE A 214 46.31 -13.20 -6.50
N LEU A 215 46.68 -12.99 -7.76
CA LEU A 215 47.91 -12.29 -8.09
C LEU A 215 47.69 -10.79 -8.29
N LEU A 216 46.59 -10.25 -7.77
CA LEU A 216 46.38 -8.81 -7.79
C LEU A 216 47.35 -8.14 -6.83
N GLU A 217 48.20 -7.26 -7.35
CA GLU A 217 49.14 -6.49 -6.55
C GLU A 217 48.99 -5.02 -6.95
N THR A 218 48.34 -4.24 -6.09
CA THR A 218 48.09 -2.83 -6.30
C THR A 218 48.77 -2.03 -5.20
N PRO A 219 49.03 -0.73 -5.43
CA PRO A 219 49.60 0.10 -4.37
C PRO A 219 48.67 0.30 -3.19
N ASN A 220 47.39 0.00 -3.32
CA ASN A 220 46.42 0.20 -2.25
C ASN A 220 46.18 -1.05 -1.40
N GLY A 221 46.69 -2.19 -1.83
CA GLY A 221 46.50 -3.40 -1.07
C GLY A 221 46.79 -4.63 -1.92
N THR A 222 46.68 -5.79 -1.28
CA THR A 222 46.93 -7.07 -1.93
C THR A 222 45.74 -7.99 -1.69
N ALA A 223 45.55 -8.95 -2.59
CA ALA A 223 44.53 -9.96 -2.39
C ALA A 223 44.77 -10.76 -1.14
N ALA A 224 46.04 -10.93 -0.75
CA ALA A 224 46.35 -11.61 0.51
C ALA A 224 45.78 -10.85 1.70
N ASP A 225 45.74 -9.51 1.62
CA ASP A 225 45.12 -8.72 2.68
C ASP A 225 43.61 -8.92 2.70
N GLY A 226 42.99 -9.09 1.53
CA GLY A 226 41.57 -9.38 1.50
C GLY A 226 41.23 -10.72 2.13
N LEU A 227 42.09 -11.72 1.90
CA LEU A 227 41.91 -13.01 2.56
C LEU A 227 42.28 -12.95 4.03
N ASN A 228 43.21 -12.05 4.39
CA ASN A 228 43.52 -11.83 5.79
C ASN A 228 42.35 -11.17 6.51
N PHE A 229 41.67 -10.25 5.82
CA PHE A 229 40.54 -9.54 6.40
C PHE A 229 39.32 -10.44 6.56
N LEU A 230 39.21 -11.49 5.72
CA LEU A 230 38.03 -12.34 5.68
C LEU A 230 38.13 -13.56 6.60
N TRP A 231 39.33 -13.98 6.96
CA TRP A 231 39.52 -15.24 7.69
C TRP A 231 40.21 -15.06 9.04
N THR A 232 40.34 -13.84 9.54
CA THR A 232 40.87 -13.63 10.88
C THR A 232 39.76 -13.07 11.77
N PRO A 233 39.33 -13.82 12.79
CA PRO A 233 38.14 -13.41 13.55
C PRO A 233 38.44 -12.35 14.60
N ASP A 234 37.43 -11.51 14.84
CA ASP A 234 37.43 -10.54 15.93
C ASP A 234 36.42 -11.01 16.96
N PHE A 235 36.92 -11.50 18.09
CA PHE A 235 36.06 -12.15 19.08
C PHE A 235 35.22 -11.16 19.88
N GLU A 236 35.63 -9.90 19.97
CA GLU A 236 34.81 -8.91 20.66
C GLU A 236 33.55 -8.55 19.88
N LYS A 237 33.53 -8.82 18.57
CA LYS A 237 32.34 -8.64 17.76
C LYS A 237 31.42 -9.85 17.81
N LEU A 238 31.81 -10.91 18.51
CA LEU A 238 30.91 -12.05 18.73
C LEU A 238 29.89 -11.78 19.82
N LYS A 239 30.11 -10.75 20.64
CA LYS A 239 29.11 -10.30 21.59
C LYS A 239 27.98 -9.52 20.92
N ASP A 240 28.15 -9.17 19.64
CA ASP A 240 27.16 -8.40 18.91
C ASP A 240 26.18 -9.35 18.25
N PRO A 241 24.91 -9.40 18.67
CA PRO A 241 23.95 -10.31 18.04
C PRO A 241 23.56 -9.90 16.63
N GLY A 242 23.74 -8.63 16.27
CA GLY A 242 23.49 -8.21 14.89
C GLY A 242 24.42 -8.89 13.90
N VAL A 243 25.63 -9.25 14.34
CA VAL A 243 26.54 -10.01 13.50
C VAL A 243 26.07 -11.46 13.41
N TRP A 244 25.57 -12.01 14.53
CA TRP A 244 25.07 -13.38 14.52
C TRP A 244 23.86 -13.53 13.63
N ILE A 245 22.85 -12.66 13.82
CA ILE A 245 21.61 -12.80 13.08
C ILE A 245 21.79 -12.45 11.61
N ALA A 246 22.83 -11.68 11.26
CA ALA A 246 23.14 -11.47 9.85
C ALA A 246 23.73 -12.72 9.23
N ALA A 247 24.40 -13.55 10.03
CA ALA A 247 25.03 -14.75 9.51
C ALA A 247 24.01 -15.89 9.36
N VAL A 248 23.15 -16.07 10.35
CA VAL A 248 22.15 -17.14 10.26
C VAL A 248 21.12 -16.82 9.18
N GLY A 249 20.93 -15.53 8.88
CA GLY A 249 19.99 -15.11 7.86
C GLY A 249 20.55 -15.30 6.47
N GLN A 250 21.84 -14.98 6.30
CA GLN A 250 22.49 -15.20 5.02
C GLN A 250 22.53 -16.69 4.66
N ILE A 251 22.63 -17.56 5.67
CA ILE A 251 22.57 -19.00 5.43
C ILE A 251 21.21 -19.39 4.87
N PHE A 252 20.13 -18.88 5.48
CA PHE A 252 18.79 -19.17 4.99
C PHE A 252 18.59 -18.62 3.58
N PHE A 253 19.05 -17.39 3.34
CA PHE A 253 18.88 -16.77 2.03
C PHE A 253 19.59 -17.57 0.95
N THR A 254 20.84 -17.94 1.18
CA THR A 254 21.63 -18.59 0.14
C THR A 254 21.16 -20.02 -0.12
N LEU A 255 20.59 -20.68 0.89
CA LEU A 255 20.11 -22.05 0.74
C LEU A 255 18.64 -22.12 0.37
N SER A 256 18.00 -20.98 0.11
CA SER A 256 16.58 -20.92 -0.24
C SER A 256 15.69 -21.40 0.91
N LEU A 257 16.20 -21.32 2.13
CA LEU A 257 15.45 -21.72 3.31
C LEU A 257 14.83 -20.49 3.97
N GLY A 258 13.88 -20.73 4.87
CA GLY A 258 13.14 -19.68 5.51
C GLY A 258 12.10 -18.99 4.65
N PHE A 259 12.06 -19.30 3.36
CA PHE A 259 10.99 -18.82 2.49
C PHE A 259 9.87 -19.85 2.53
N GLY A 260 8.91 -19.73 1.63
CA GLY A 260 7.92 -20.78 1.44
C GLY A 260 8.27 -21.61 0.24
N ALA A 261 9.53 -21.55 -0.18
CA ALA A 261 9.94 -22.12 -1.46
C ALA A 261 10.10 -23.64 -1.38
N ILE A 262 10.99 -24.11 -0.51
CA ILE A 262 11.35 -25.53 -0.51
C ILE A 262 10.17 -26.40 -0.12
N ILE A 263 9.36 -25.95 0.85
CA ILE A 263 8.19 -26.72 1.26
C ILE A 263 7.21 -26.86 0.10
N THR A 264 7.14 -25.86 -0.77
CA THR A 264 6.26 -25.96 -1.94
C THR A 264 6.81 -26.93 -2.97
N TYR A 265 8.13 -27.07 -3.05
CA TYR A 265 8.73 -27.93 -4.07
C TYR A 265 8.75 -29.38 -3.65
N ALA A 266 8.90 -29.65 -2.35
CA ALA A 266 8.76 -31.02 -1.86
C ALA A 266 7.31 -31.50 -1.98
N SER A 267 6.35 -30.58 -2.11
CA SER A 267 4.98 -30.98 -2.36
C SER A 267 4.83 -31.64 -3.73
N TYR A 268 5.72 -31.32 -4.67
CA TYR A 268 5.68 -31.88 -6.01
C TYR A 268 6.65 -33.05 -6.20
N VAL A 269 7.38 -33.45 -5.16
CA VAL A 269 8.25 -34.61 -5.25
C VAL A 269 7.58 -35.77 -4.52
N ARG A 270 8.23 -36.92 -4.51
CA ARG A 270 7.62 -38.15 -4.03
C ARG A 270 8.19 -38.56 -2.67
N LYS A 271 7.35 -39.24 -1.89
CA LYS A 271 7.77 -39.82 -0.63
C LYS A 271 8.52 -41.12 -0.89
N ASP A 272 9.13 -41.66 0.17
CA ASP A 272 10.03 -42.81 0.07
C ASP A 272 11.15 -42.54 -0.93
N GLN A 273 11.67 -41.32 -0.88
CA GLN A 273 12.73 -40.86 -1.77
C GLN A 273 13.80 -40.19 -0.94
N ASP A 274 15.02 -40.15 -1.46
CA ASP A 274 16.14 -39.59 -0.71
C ASP A 274 16.02 -38.07 -0.63
N ILE A 275 15.85 -37.55 0.58
CA ILE A 275 15.95 -36.14 0.88
C ILE A 275 17.12 -35.84 1.81
N VAL A 276 17.93 -36.85 2.11
CA VAL A 276 19.03 -36.71 3.07
C VAL A 276 20.33 -36.44 2.34
N LEU A 277 20.71 -37.34 1.43
CA LEU A 277 21.98 -37.19 0.72
C LEU A 277 21.92 -36.06 -0.28
N SER A 278 20.87 -36.04 -1.11
CA SER A 278 20.74 -34.97 -2.09
C SER A 278 20.52 -33.62 -1.42
N GLY A 279 19.78 -33.62 -0.30
CA GLY A 279 19.63 -32.40 0.47
C GLY A 279 20.95 -31.92 1.07
N LEU A 280 21.85 -32.86 1.38
CA LEU A 280 23.16 -32.49 1.88
C LEU A 280 24.11 -32.12 0.75
N THR A 281 23.86 -32.62 -0.46
CA THR A 281 24.76 -32.36 -1.58
C THR A 281 24.55 -30.97 -2.15
N ALA A 282 23.31 -30.60 -2.44
CA ALA A 282 23.03 -29.27 -2.97
C ALA A 282 23.37 -28.18 -1.96
N ALA A 283 23.23 -28.48 -0.67
CA ALA A 283 23.61 -27.52 0.36
C ALA A 283 25.12 -27.33 0.44
N THR A 284 25.90 -28.27 -0.09
CA THR A 284 27.35 -28.16 -0.08
C THR A 284 27.90 -27.49 -1.33
N LEU A 285 27.37 -27.84 -2.50
CA LEU A 285 27.76 -27.16 -3.73
C LEU A 285 27.42 -25.67 -3.67
N ASN A 286 26.28 -25.34 -3.05
CA ASN A 286 25.90 -23.95 -2.90
C ASN A 286 26.90 -23.20 -2.02
N GLU A 287 27.31 -23.80 -0.90
CA GLU A 287 28.32 -23.17 -0.06
C GLU A 287 29.67 -23.14 -0.74
N LYS A 288 29.97 -24.13 -1.58
CA LYS A 288 31.20 -24.08 -2.36
C LYS A 288 31.17 -22.95 -3.38
N ALA A 289 29.98 -22.56 -3.82
CA ALA A 289 29.86 -21.54 -4.86
C ALA A 289 29.94 -20.12 -4.33
N GLU A 290 29.75 -19.91 -3.03
CA GLU A 290 29.81 -18.56 -2.48
C GLU A 290 30.90 -18.35 -1.45
N VAL A 291 31.30 -19.39 -0.70
CA VAL A 291 32.45 -19.23 0.19
C VAL A 291 33.73 -19.15 -0.62
N ILE A 292 33.87 -20.00 -1.63
CA ILE A 292 35.06 -19.98 -2.47
C ILE A 292 34.91 -18.96 -3.59
N LEU A 293 33.90 -19.15 -4.45
CA LEU A 293 33.84 -18.36 -5.68
C LEU A 293 33.23 -16.98 -5.44
N GLY A 294 32.13 -16.91 -4.70
CA GLY A 294 31.52 -15.61 -4.42
C GLY A 294 32.24 -14.81 -3.36
N GLY A 295 33.00 -15.46 -2.48
CA GLY A 295 33.62 -14.79 -1.36
C GLY A 295 35.08 -14.43 -1.54
N SER A 296 35.83 -15.23 -2.28
CA SER A 296 37.25 -14.98 -2.50
C SER A 296 37.53 -14.27 -3.82
N ILE A 297 36.48 -13.95 -4.64
CA ILE A 297 36.65 -13.15 -5.84
C ILE A 297 36.34 -11.69 -5.53
N SER A 298 35.15 -11.44 -4.98
CA SER A 298 34.68 -10.07 -4.80
C SER A 298 35.40 -9.37 -3.66
N ILE A 299 35.45 -9.99 -2.49
CA ILE A 299 35.97 -9.35 -1.28
C ILE A 299 37.48 -9.08 -1.40
N PRO A 300 38.33 -10.04 -1.75
CA PRO A 300 39.77 -9.73 -1.83
C PRO A 300 40.11 -8.71 -2.89
N ALA A 301 39.36 -8.67 -3.99
CA ALA A 301 39.62 -7.67 -5.02
C ALA A 301 39.21 -6.28 -4.55
N ALA A 302 38.11 -6.18 -3.82
CA ALA A 302 37.69 -4.89 -3.28
C ALA A 302 38.71 -4.36 -2.28
N VAL A 303 39.28 -5.24 -1.46
CA VAL A 303 40.29 -4.83 -0.51
C VAL A 303 41.58 -4.44 -1.22
N ALA A 304 41.91 -5.16 -2.30
CA ALA A 304 43.13 -4.84 -3.04
C ALA A 304 42.98 -3.55 -3.83
N PHE A 305 41.84 -3.35 -4.48
CA PHE A 305 41.64 -2.16 -5.30
C PHE A 305 41.39 -0.93 -4.45
N PHE A 306 40.49 -1.02 -3.47
CA PHE A 306 39.98 0.15 -2.77
C PHE A 306 40.41 0.24 -1.31
N GLY A 307 41.09 -0.77 -0.78
CA GLY A 307 41.42 -0.79 0.63
C GLY A 307 40.30 -1.35 1.48
N VAL A 308 40.59 -1.49 2.77
CA VAL A 308 39.62 -2.09 3.69
C VAL A 308 38.50 -1.10 4.01
N ALA A 309 38.86 0.13 4.39
CA ALA A 309 37.86 1.09 4.82
C ALA A 309 36.85 1.39 3.72
N ASN A 310 37.30 1.51 2.48
CA ASN A 310 36.38 1.79 1.38
C ASN A 310 35.56 0.55 1.01
N ALA A 311 36.15 -0.64 1.12
CA ALA A 311 35.39 -1.85 0.83
C ALA A 311 34.28 -2.07 1.85
N VAL A 312 34.57 -1.77 3.12
CA VAL A 312 33.54 -1.89 4.16
C VAL A 312 32.45 -0.83 3.95
N ALA A 313 32.86 0.39 3.56
CA ALA A 313 31.89 1.46 3.36
C ALA A 313 30.94 1.16 2.22
N ILE A 314 31.46 0.63 1.11
CA ILE A 314 30.61 0.23 0.00
C ILE A 314 29.63 -0.85 0.43
N ALA A 315 30.09 -1.76 1.30
CA ALA A 315 29.23 -2.83 1.77
C ALA A 315 28.14 -2.30 2.68
N LYS A 316 28.45 -1.29 3.49
CA LYS A 316 27.44 -0.70 4.38
C LYS A 316 26.46 0.18 3.62
N ALA A 317 26.85 0.73 2.48
CA ALA A 317 26.02 1.69 1.77
C ALA A 317 24.98 1.03 0.86
N GLY A 318 24.91 -0.30 0.84
CA GLY A 318 23.93 -0.97 0.00
C GLY A 318 23.89 -2.45 0.33
N ALA A 319 22.85 -3.10 -0.18
CA ALA A 319 22.63 -4.51 0.09
C ALA A 319 23.21 -5.42 -0.98
N PHE A 320 23.51 -4.89 -2.17
CA PHE A 320 24.05 -5.70 -3.25
C PHE A 320 25.08 -4.96 -4.09
N ASN A 321 25.54 -3.79 -3.66
CA ASN A 321 26.33 -2.92 -4.52
C ASN A 321 27.79 -3.35 -4.64
N LEU A 322 28.32 -4.12 -3.69
CA LEU A 322 29.76 -4.38 -3.65
C LEU A 322 30.23 -5.10 -4.90
N GLY A 323 29.56 -6.20 -5.26
CA GLY A 323 29.98 -6.96 -6.42
C GLY A 323 29.86 -6.18 -7.72
N PHE A 324 28.89 -5.28 -7.81
CA PHE A 324 28.74 -4.46 -9.02
C PHE A 324 29.86 -3.45 -9.16
N ILE A 325 30.46 -3.04 -8.05
CA ILE A 325 31.55 -2.07 -8.10
C ILE A 325 32.90 -2.76 -8.20
N THR A 326 33.05 -3.93 -7.58
CA THR A 326 34.34 -4.59 -7.52
C THR A 326 34.68 -5.34 -8.82
N LEU A 327 33.70 -6.04 -9.39
CA LEU A 327 33.98 -6.89 -10.55
C LEU A 327 34.43 -6.10 -11.77
N PRO A 328 33.78 -4.99 -12.16
CA PRO A 328 34.30 -4.21 -13.29
C PRO A 328 35.71 -3.68 -13.07
N ALA A 329 36.14 -3.49 -11.82
CA ALA A 329 37.53 -3.13 -11.58
C ALA A 329 38.46 -4.28 -11.93
N ILE A 330 38.05 -5.51 -11.63
CA ILE A 330 38.84 -6.68 -12.01
C ILE A 330 38.97 -6.75 -13.52
N PHE A 331 37.85 -6.63 -14.23
CA PHE A 331 37.85 -6.77 -15.68
C PHE A 331 38.56 -5.62 -16.38
N SER A 332 38.69 -4.47 -15.72
CA SER A 332 39.45 -3.36 -16.31
C SER A 332 40.96 -3.63 -16.28
N GLN A 333 41.41 -4.55 -15.44
CA GLN A 333 42.82 -4.88 -15.30
C GLN A 333 43.12 -6.30 -15.80
N THR A 334 42.30 -6.81 -16.73
CA THR A 334 42.46 -8.16 -17.24
C THR A 334 42.32 -8.14 -18.75
N ALA A 335 43.23 -8.84 -19.44
CA ALA A 335 43.16 -8.92 -20.90
C ALA A 335 41.89 -9.63 -21.32
N GLY A 336 41.07 -8.96 -22.13
CA GLY A 336 39.79 -9.51 -22.50
C GLY A 336 38.73 -9.43 -21.42
N GLY A 337 38.95 -8.59 -20.41
CA GLY A 337 38.02 -8.52 -19.30
C GLY A 337 36.65 -8.03 -19.69
N THR A 338 36.57 -7.16 -20.70
CA THR A 338 35.27 -6.71 -21.17
C THR A 338 34.44 -7.86 -21.70
N PHE A 339 35.07 -8.80 -22.41
CA PHE A 339 34.35 -9.99 -22.85
C PHE A 339 34.01 -10.90 -21.68
N LEU A 340 34.99 -11.13 -20.79
CA LEU A 340 34.72 -11.94 -19.60
C LEU A 340 33.68 -11.29 -18.70
N GLY A 341 33.68 -9.96 -18.65
CA GLY A 341 32.64 -9.26 -17.90
C GLY A 341 31.26 -9.48 -18.49
N PHE A 342 31.17 -9.59 -19.80
CA PHE A 342 29.89 -9.94 -20.43
C PHE A 342 29.45 -11.33 -20.02
N LEU A 343 30.39 -12.28 -20.00
CA LEU A 343 30.06 -13.64 -19.56
C LEU A 343 29.71 -13.64 -18.08
N TRP A 344 30.42 -12.87 -17.27
CA TRP A 344 30.19 -12.86 -15.82
C TRP A 344 28.78 -12.38 -15.50
N PHE A 345 28.40 -11.21 -16.01
CA PHE A 345 27.11 -10.63 -15.66
C PHE A 345 25.94 -11.27 -16.40
N PHE A 346 26.18 -11.89 -17.56
CA PHE A 346 25.11 -12.61 -18.22
C PHE A 346 24.84 -13.96 -17.57
N LEU A 347 25.89 -14.62 -17.07
CA LEU A 347 25.69 -15.86 -16.34
C LEU A 347 25.15 -15.60 -14.94
N LEU A 348 25.61 -14.51 -14.31
CA LEU A 348 25.01 -14.10 -13.04
C LEU A 348 23.54 -13.76 -13.20
N PHE A 349 23.16 -13.23 -14.37
CA PHE A 349 21.75 -12.98 -14.65
C PHE A 349 20.96 -14.28 -14.77
N PHE A 350 21.55 -15.30 -15.39
CA PHE A 350 20.88 -16.58 -15.49
C PHE A 350 20.77 -17.26 -14.13
N ALA A 351 21.76 -17.07 -13.26
CA ALA A 351 21.66 -17.59 -11.90
C ALA A 351 20.50 -16.94 -11.16
N GLY A 352 20.34 -15.62 -11.30
CA GLY A 352 19.22 -14.95 -10.66
C GLY A 352 17.89 -15.25 -11.31
N LEU A 353 17.90 -15.56 -12.62
CA LEU A 353 16.66 -15.86 -13.32
C LEU A 353 16.06 -17.17 -12.85
N THR A 354 16.89 -18.21 -12.70
CA THR A 354 16.40 -19.48 -12.19
C THR A 354 15.97 -19.40 -10.74
N SER A 355 16.47 -18.41 -9.99
CA SER A 355 16.06 -18.25 -8.61
C SER A 355 14.77 -17.43 -8.49
N SER A 356 14.65 -16.38 -9.29
CA SER A 356 13.49 -15.50 -9.18
C SER A 356 12.22 -16.18 -9.66
N ILE A 357 12.30 -17.03 -10.68
CA ILE A 357 11.14 -17.82 -11.06
C ILE A 357 10.80 -18.84 -9.97
N ALA A 358 11.77 -19.16 -9.11
CA ALA A 358 11.50 -20.06 -8.01
C ALA A 358 10.94 -19.31 -6.80
N ILE A 359 11.41 -18.09 -6.57
CA ILE A 359 10.94 -17.31 -5.43
C ILE A 359 9.46 -16.97 -5.59
N MET A 360 9.03 -16.68 -6.82
CA MET A 360 7.66 -16.31 -7.08
C MET A 360 6.73 -17.51 -7.24
N GLN A 361 7.24 -18.74 -7.07
CA GLN A 361 6.44 -19.94 -7.26
C GLN A 361 5.42 -20.14 -6.13
N PRO A 362 5.78 -19.97 -4.85
CA PRO A 362 4.76 -20.17 -3.80
C PRO A 362 3.57 -19.24 -3.93
N MET A 363 3.79 -17.98 -4.33
CA MET A 363 2.68 -17.05 -4.50
C MET A 363 1.76 -17.50 -5.63
N ILE A 364 2.35 -17.91 -6.76
CA ILE A 364 1.55 -18.36 -7.90
C ILE A 364 0.84 -19.66 -7.56
N ALA A 365 1.51 -20.57 -6.83
CA ALA A 365 0.88 -21.82 -6.45
C ALA A 365 -0.29 -21.61 -5.49
N PHE A 366 -0.21 -20.58 -4.65
CA PHE A 366 -1.33 -20.28 -3.75
C PHE A 366 -2.54 -19.78 -4.53
N LEU A 367 -2.32 -18.94 -5.54
CA LEU A 367 -3.42 -18.45 -6.36
C LEU A 367 -4.01 -19.54 -7.23
N GLU A 368 -3.27 -20.61 -7.49
CA GLU A 368 -3.81 -21.73 -8.26
C GLU A 368 -4.58 -22.69 -7.37
N ASP A 369 -3.93 -23.23 -6.34
CA ASP A 369 -4.47 -24.33 -5.57
C ASP A 369 -5.48 -23.89 -4.52
N GLU A 370 -5.50 -22.61 -4.15
CA GLU A 370 -6.40 -22.13 -3.12
C GLU A 370 -7.46 -21.14 -3.63
N LEU A 371 -7.14 -20.36 -4.66
CA LEU A 371 -8.09 -19.41 -5.22
C LEU A 371 -8.54 -19.76 -6.63
N LYS A 372 -8.09 -20.89 -7.17
CA LYS A 372 -8.58 -21.43 -8.44
C LYS A 372 -8.38 -20.44 -9.59
N LEU A 373 -7.15 -19.97 -9.74
CA LEU A 373 -6.77 -19.14 -10.87
C LEU A 373 -5.96 -19.96 -11.87
N SER A 374 -6.12 -19.63 -13.15
CA SER A 374 -5.33 -20.30 -14.18
C SER A 374 -3.87 -19.90 -14.07
N ARG A 375 -3.01 -20.63 -14.79
CA ARG A 375 -1.59 -20.33 -14.79
C ARG A 375 -1.33 -18.91 -15.27
N LYS A 376 -1.93 -18.55 -16.40
CA LYS A 376 -1.71 -17.22 -16.97
C LYS A 376 -2.15 -16.12 -16.01
N HIS A 377 -3.27 -16.32 -15.32
CA HIS A 377 -3.79 -15.29 -14.44
C HIS A 377 -3.02 -15.22 -13.12
N ALA A 378 -2.62 -16.38 -12.58
CA ALA A 378 -1.88 -16.37 -11.32
C ALA A 378 -0.49 -15.75 -11.50
N VAL A 379 0.13 -15.96 -12.65
CA VAL A 379 1.45 -15.38 -12.89
C VAL A 379 1.34 -13.88 -13.10
N LEU A 380 0.38 -13.44 -13.92
CA LEU A 380 0.31 -12.03 -14.29
C LEU A 380 -0.10 -11.16 -13.10
N TRP A 381 -0.99 -11.67 -12.24
CA TRP A 381 -1.35 -10.90 -11.06
C TRP A 381 -0.23 -10.88 -10.03
N THR A 382 0.53 -11.98 -9.92
CA THR A 382 1.70 -11.98 -9.04
C THR A 382 2.76 -11.00 -9.54
N ALA A 383 2.95 -10.93 -10.85
CA ALA A 383 3.89 -9.98 -11.41
C ALA A 383 3.43 -8.54 -11.21
N ALA A 384 2.12 -8.31 -11.24
CA ALA A 384 1.60 -6.97 -10.99
C ALA A 384 1.91 -6.52 -9.57
N ILE A 385 1.77 -7.43 -8.60
CA ILE A 385 2.06 -7.09 -7.21
C ILE A 385 3.55 -6.82 -7.01
N VAL A 386 4.40 -7.47 -7.81
CA VAL A 386 5.84 -7.26 -7.70
C VAL A 386 6.26 -6.00 -8.44
N PHE A 387 5.76 -5.80 -9.66
CA PHE A 387 6.15 -4.63 -10.44
C PHE A 387 5.70 -3.34 -9.79
N PHE A 388 4.48 -3.30 -9.27
CA PHE A 388 3.97 -2.10 -8.62
C PHE A 388 4.77 -1.78 -7.35
N SER A 389 5.04 -2.80 -6.54
CA SER A 389 5.77 -2.58 -5.29
C SER A 389 7.22 -2.21 -5.55
N ALA A 390 7.79 -2.70 -6.65
CA ALA A 390 9.20 -2.43 -6.95
C ALA A 390 9.49 -0.96 -7.10
N HIS A 391 8.47 -0.13 -7.38
CA HIS A 391 8.71 1.29 -7.55
C HIS A 391 9.17 1.95 -6.25
N LEU A 392 8.76 1.41 -5.10
CA LEU A 392 9.35 1.84 -3.84
C LEU A 392 10.85 1.53 -3.82
N VAL A 393 11.20 0.32 -4.24
CA VAL A 393 12.60 -0.10 -4.25
C VAL A 393 13.39 0.71 -5.27
N MET A 394 12.77 1.07 -6.39
CA MET A 394 13.49 1.76 -7.46
C MET A 394 13.72 3.22 -7.12
N PHE A 395 12.77 3.87 -6.43
CA PHE A 395 12.77 5.31 -6.32
C PHE A 395 12.97 5.85 -4.91
N LEU A 396 12.86 5.02 -3.88
CA LEU A 396 13.01 5.48 -2.49
C LEU A 396 14.34 4.99 -1.94
N ASN A 397 15.15 5.94 -1.46
CA ASN A 397 16.49 5.60 -0.97
C ASN A 397 16.40 4.75 0.29
N LYS A 398 17.21 3.69 0.34
CA LYS A 398 17.27 2.71 1.43
C LYS A 398 16.01 1.86 1.54
N SER A 399 15.04 2.02 0.65
CA SER A 399 13.86 1.15 0.68
C SER A 399 14.23 -0.29 0.35
N LEU A 400 15.16 -0.48 -0.59
CA LEU A 400 15.59 -1.82 -0.96
C LEU A 400 16.28 -2.52 0.19
N ASP A 401 17.16 -1.82 0.90
CA ASP A 401 17.85 -2.42 2.04
C ASP A 401 16.89 -2.79 3.15
N GLU A 402 15.83 -2.00 3.34
CA GLU A 402 14.88 -2.27 4.41
C GLU A 402 14.09 -3.55 4.15
N MET A 403 13.60 -3.72 2.92
CA MET A 403 12.94 -4.97 2.58
C MET A 403 13.89 -6.15 2.69
N ASP A 404 15.17 -5.95 2.36
CA ASP A 404 16.13 -7.03 2.43
C ASP A 404 16.45 -7.41 3.87
N PHE A 405 16.27 -6.48 4.81
CA PHE A 405 16.59 -6.77 6.21
C PHE A 405 15.44 -7.49 6.89
N TRP A 406 14.21 -7.03 6.68
CA TRP A 406 13.07 -7.60 7.40
C TRP A 406 12.59 -8.90 6.79
N ALA A 407 12.78 -9.09 5.49
CA ALA A 407 12.42 -10.34 4.84
C ALA A 407 13.61 -11.28 4.68
N GLY A 408 14.75 -10.76 4.21
CA GLY A 408 15.88 -11.60 3.92
C GLY A 408 16.76 -11.95 5.10
N THR A 409 16.63 -11.21 6.21
CA THR A 409 17.45 -11.46 7.39
C THR A 409 16.61 -11.83 8.61
N ILE A 410 15.70 -10.96 9.04
CA ILE A 410 14.93 -11.24 10.24
C ILE A 410 13.78 -12.20 9.93
N GLY A 411 13.12 -12.02 8.78
CA GLY A 411 11.98 -12.86 8.47
C GLY A 411 12.34 -14.33 8.33
N VAL A 412 13.48 -14.63 7.70
CA VAL A 412 13.83 -16.01 7.43
C VAL A 412 14.20 -16.74 8.72
N VAL A 413 14.72 -16.04 9.71
CA VAL A 413 15.13 -16.71 10.95
C VAL A 413 13.95 -16.89 11.90
N PHE A 414 12.98 -15.97 11.86
CA PHE A 414 11.77 -16.17 12.64
C PHE A 414 10.92 -17.28 12.03
N PHE A 415 10.77 -17.29 10.71
CA PHE A 415 10.01 -18.33 10.04
C PHE A 415 10.75 -19.66 10.01
N GLY A 416 12.08 -19.65 10.16
CA GLY A 416 12.81 -20.89 10.29
C GLY A 416 12.60 -21.54 11.64
N LEU A 417 12.54 -20.73 12.70
CA LEU A 417 12.22 -21.25 14.02
C LEU A 417 10.79 -21.77 14.07
N THR A 418 9.86 -21.08 13.39
CA THR A 418 8.47 -21.51 13.38
C THR A 418 8.32 -22.88 12.74
N GLU A 419 9.05 -23.14 11.66
CA GLU A 419 9.04 -24.46 11.04
C GLU A 419 9.57 -25.52 11.99
N LEU A 420 10.60 -25.17 12.77
CA LEU A 420 11.26 -26.13 13.65
C LEU A 420 10.46 -26.45 14.90
N ILE A 421 9.40 -25.69 15.18
CA ILE A 421 8.55 -25.96 16.34
C ILE A 421 7.25 -26.64 15.92
N ILE A 422 6.69 -26.23 14.78
CA ILE A 422 5.47 -26.86 14.28
C ILE A 422 5.75 -28.31 13.89
N PHE A 423 6.88 -28.56 13.24
CA PHE A 423 7.18 -29.89 12.72
C PHE A 423 7.90 -30.78 13.72
N PHE A 424 8.62 -30.21 14.68
CA PHE A 424 9.48 -31.00 15.56
C PHE A 424 9.05 -30.97 17.02
N TRP A 425 8.16 -30.08 17.42
CA TRP A 425 7.66 -30.05 18.79
C TRP A 425 6.18 -30.34 18.91
N ILE A 426 5.36 -29.78 18.01
CA ILE A 426 3.93 -30.02 18.02
C ILE A 426 3.57 -31.28 17.23
N PHE A 427 4.11 -31.41 16.02
CA PHE A 427 3.87 -32.62 15.23
C PHE A 427 4.54 -33.85 15.84
N GLY A 428 5.57 -33.67 16.65
CA GLY A 428 6.24 -34.80 17.30
C GLY A 428 7.68 -34.90 16.84
N ALA A 429 8.58 -34.93 17.81
CA ALA A 429 10.01 -35.01 17.49
C ALA A 429 10.35 -36.36 16.87
N ASP A 430 9.96 -37.45 17.53
CA ASP A 430 10.22 -38.78 16.97
C ASP A 430 9.41 -39.02 15.70
N LYS A 431 8.20 -38.48 15.63
CA LYS A 431 7.40 -38.62 14.42
C LYS A 431 8.04 -37.89 13.25
N ALA A 432 8.67 -36.75 13.51
CA ALA A 432 9.34 -36.01 12.45
C ALA A 432 10.65 -36.66 12.05
N TRP A 433 11.32 -37.34 12.99
CA TRP A 433 12.57 -38.02 12.67
C TRP A 433 12.37 -39.13 11.66
N GLU A 434 11.19 -39.75 11.66
CA GLU A 434 10.89 -40.79 10.68
C GLU A 434 10.66 -40.19 9.30
N GLU A 435 10.03 -39.02 9.23
CA GLU A 435 9.73 -38.40 7.94
C GLU A 435 10.99 -37.94 7.23
N ILE A 436 12.05 -37.64 7.97
CA ILE A 436 13.28 -37.15 7.34
C ILE A 436 14.08 -38.30 6.73
N ASN A 437 14.13 -39.44 7.42
CA ASN A 437 15.01 -40.54 7.02
C ASN A 437 14.36 -41.52 6.05
N ARG A 438 13.08 -41.35 5.72
CA ARG A 438 12.42 -42.28 4.82
C ARG A 438 13.01 -42.17 3.42
N GLY A 439 13.36 -43.33 2.85
CA GLY A 439 13.97 -43.37 1.53
C GLY A 439 15.37 -42.83 1.45
N GLY A 440 16.01 -42.55 2.59
CA GLY A 440 17.33 -41.94 2.57
C GLY A 440 18.39 -42.94 2.15
N ILE A 441 19.24 -42.53 1.20
CA ILE A 441 20.38 -43.35 0.81
C ILE A 441 21.34 -43.51 1.98
N ILE A 442 21.59 -42.42 2.70
CA ILE A 442 22.35 -42.47 3.95
C ILE A 442 21.39 -42.12 5.08
N LYS A 443 21.86 -42.21 6.32
CA LYS A 443 21.05 -41.90 7.49
C LYS A 443 21.59 -40.68 8.20
N VAL A 444 20.69 -39.83 8.69
CA VAL A 444 21.10 -38.67 9.48
C VAL A 444 21.69 -39.15 10.80
N PRO A 445 22.86 -38.65 11.21
CA PRO A 445 23.44 -39.08 12.49
C PRO A 445 22.52 -38.75 13.66
N ARG A 446 22.64 -39.55 14.71
CA ARG A 446 21.79 -39.39 15.88
C ARG A 446 22.02 -38.07 16.61
N ILE A 447 23.19 -37.45 16.43
CA ILE A 447 23.48 -36.22 17.15
C ILE A 447 22.64 -35.07 16.62
N TYR A 448 22.24 -35.12 15.35
CA TYR A 448 21.39 -34.06 14.81
C TYR A 448 19.97 -34.11 15.38
N TYR A 449 19.54 -35.26 15.90
CA TYR A 449 18.23 -35.34 16.54
C TYR A 449 18.16 -34.41 17.74
N TYR A 450 19.13 -34.52 18.66
CA TYR A 450 19.17 -33.64 19.81
C TYR A 450 19.49 -32.21 19.42
N VAL A 451 20.16 -31.99 18.28
CA VAL A 451 20.40 -30.64 17.80
C VAL A 451 19.11 -30.01 17.29
N MET A 452 18.30 -30.79 16.57
CA MET A 452 17.05 -30.27 16.03
C MET A 452 15.95 -30.13 17.07
N ARG A 453 16.06 -30.80 18.22
CA ARG A 453 15.05 -30.73 19.26
C ARG A 453 15.42 -29.79 20.40
N TYR A 454 16.69 -29.76 20.79
CA TYR A 454 17.09 -29.01 21.97
C TYR A 454 18.13 -27.93 21.71
N ILE A 455 18.99 -28.09 20.70
CA ILE A 455 20.09 -27.15 20.49
C ILE A 455 19.65 -26.03 19.57
N THR A 456 19.38 -26.36 18.31
CA THR A 456 19.05 -25.32 17.32
C THR A 456 17.78 -24.56 17.65
N PRO A 457 16.64 -25.20 17.94
CA PRO A 457 15.44 -24.39 18.25
C PRO A 457 15.60 -23.53 19.49
N ALA A 458 16.35 -23.99 20.48
CA ALA A 458 16.62 -23.19 21.67
C ALA A 458 17.80 -22.24 21.49
N PHE A 459 18.31 -22.10 20.27
CA PHE A 459 19.35 -21.13 19.96
C PHE A 459 18.84 -19.99 19.10
N LEU A 460 18.05 -20.27 18.07
CA LEU A 460 17.44 -19.20 17.29
C LEU A 460 16.47 -18.40 18.14
N ALA A 461 15.75 -19.06 19.05
CA ALA A 461 14.82 -18.36 19.92
C ALA A 461 15.56 -17.37 20.82
N VAL A 462 16.76 -17.75 21.29
CA VAL A 462 17.53 -16.85 22.15
C VAL A 462 18.11 -15.70 21.34
N LEU A 463 18.55 -15.99 20.11
CA LEU A 463 19.19 -14.96 19.29
C LEU A 463 18.24 -13.81 18.98
N LEU A 464 17.01 -14.13 18.57
CA LEU A 464 16.05 -13.10 18.23
C LEU A 464 15.68 -12.26 19.45
N VAL A 465 15.78 -12.84 20.65
CA VAL A 465 15.44 -12.11 21.87
C VAL A 465 16.58 -11.19 22.28
N VAL A 466 17.81 -11.71 22.29
CA VAL A 466 18.95 -10.88 22.64
C VAL A 466 19.23 -9.84 21.57
N TRP A 467 18.76 -10.05 20.35
CA TRP A 467 18.90 -9.04 19.30
C TRP A 467 17.83 -7.96 19.42
N ALA A 468 16.59 -8.36 19.67
CA ALA A 468 15.49 -7.40 19.72
C ALA A 468 15.55 -6.51 20.94
N ARG A 469 16.23 -6.93 22.01
CA ARG A 469 16.35 -6.05 23.17
C ARG A 469 17.43 -5.01 23.01
N GLU A 470 18.25 -5.11 21.96
CA GLU A 470 19.36 -4.17 21.72
C GLU A 470 19.14 -3.28 20.51
N TYR A 471 18.56 -3.80 19.43
CA TYR A 471 18.45 -3.04 18.20
C TYR A 471 17.05 -2.48 17.94
N ILE A 472 16.01 -3.06 18.54
CA ILE A 472 14.66 -2.49 18.40
C ILE A 472 14.58 -1.08 18.96
N PRO A 473 15.19 -0.75 20.10
CA PRO A 473 15.24 0.68 20.49
C PRO A 473 15.90 1.56 19.45
N LYS A 474 16.94 1.07 18.78
CA LYS A 474 17.58 1.85 17.72
C LYS A 474 16.71 1.89 16.47
N ILE A 475 15.91 0.86 16.23
CA ILE A 475 15.09 0.81 15.03
C ILE A 475 13.91 1.77 15.13
N MET A 476 13.24 1.80 16.29
CA MET A 476 12.10 2.67 16.49
C MET A 476 12.46 4.15 16.49
N GLU A 477 13.75 4.48 16.56
CA GLU A 477 14.21 5.86 16.46
C GLU A 477 14.67 6.22 15.05
N GLU A 478 14.16 5.50 14.05
CA GLU A 478 14.51 5.77 12.66
C GLU A 478 14.05 7.16 12.24
N THR A 479 14.93 7.91 11.59
CA THR A 479 14.64 9.28 11.20
C THR A 479 14.18 9.41 9.75
N HIS A 480 14.48 8.44 8.89
CA HIS A 480 14.14 8.54 7.47
C HIS A 480 12.71 8.08 7.25
N TRP A 481 11.90 8.94 6.62
CA TRP A 481 10.54 8.56 6.29
C TRP A 481 10.50 7.51 5.20
N THR A 482 11.48 7.53 4.29
CA THR A 482 11.56 6.52 3.24
C THR A 482 11.65 5.12 3.84
N VAL A 483 12.21 5.01 5.05
CA VAL A 483 12.27 3.72 5.73
C VAL A 483 10.93 3.38 6.36
N TRP A 484 10.28 4.36 7.00
CA TRP A 484 9.00 4.09 7.66
C TRP A 484 7.92 3.76 6.65
N ILE A 485 7.93 4.43 5.49
CA ILE A 485 6.93 4.13 4.45
C ILE A 485 7.12 2.71 3.94
N THR A 486 8.36 2.24 3.88
CA THR A 486 8.60 0.85 3.48
C THR A 486 8.08 -0.11 4.55
N ARG A 487 8.34 0.19 5.82
CA ARG A 487 7.80 -0.65 6.90
C ARG A 487 6.28 -0.64 6.89
N PHE A 488 5.68 0.53 6.62
CA PHE A 488 4.23 0.60 6.52
C PHE A 488 3.72 -0.18 5.32
N TYR A 489 4.46 -0.16 4.21
CA TYR A 489 4.02 -0.84 3.00
C TYR A 489 4.05 -2.35 3.16
N ILE A 490 5.11 -2.89 3.77
CA ILE A 490 5.21 -4.35 3.91
C ILE A 490 4.28 -4.88 4.99
N ILE A 491 3.91 -4.06 5.98
CA ILE A 491 2.87 -4.47 6.92
C ILE A 491 1.53 -4.60 6.18
N GLY A 492 1.23 -3.65 5.28
CA GLY A 492 0.05 -3.79 4.46
C GLY A 492 0.06 -5.02 3.58
N LEU A 493 1.25 -5.44 3.15
CA LEU A 493 1.34 -6.66 2.35
C LEU A 493 1.00 -7.89 3.19
N PHE A 494 1.45 -7.94 4.44
CA PHE A 494 1.12 -9.07 5.30
C PHE A 494 -0.38 -9.10 5.61
N LEU A 495 -0.99 -7.93 5.80
CA LEU A 495 -2.44 -7.88 6.01
C LEU A 495 -3.19 -8.26 4.75
N PHE A 496 -2.68 -7.85 3.59
CA PHE A 496 -3.31 -8.22 2.32
C PHE A 496 -3.26 -9.72 2.09
N LEU A 497 -2.13 -10.36 2.43
CA LEU A 497 -2.00 -11.80 2.23
C LEU A 497 -2.79 -12.58 3.27
N THR A 498 -2.93 -12.04 4.48
CA THR A 498 -3.78 -12.68 5.48
C THR A 498 -5.23 -12.68 5.03
N PHE A 499 -5.65 -11.61 4.36
CA PHE A 499 -7.00 -11.55 3.80
C PHE A 499 -7.21 -12.56 2.69
N LEU A 500 -6.15 -12.88 1.93
CA LEU A 500 -6.27 -13.86 0.86
C LEU A 500 -6.41 -15.28 1.41
N VAL A 501 -5.66 -15.60 2.47
CA VAL A 501 -5.81 -16.91 3.11
C VAL A 501 -7.20 -17.04 3.71
N PHE A 502 -7.74 -15.94 4.25
CA PHE A 502 -9.10 -15.97 4.78
C PHE A 502 -10.11 -16.31 3.68
N LEU A 503 -9.93 -15.73 2.49
CA LEU A 503 -10.81 -16.05 1.37
C LEU A 503 -10.66 -17.51 0.94
N ALA A 504 -9.49 -18.10 1.15
CA ALA A 504 -9.30 -19.52 0.86
C ALA A 504 -9.90 -20.40 1.95
N GLU A 505 -9.91 -19.93 3.20
CA GLU A 505 -10.51 -20.70 4.28
C GLU A 505 -12.02 -20.77 4.13
N ARG A 506 -12.65 -19.66 3.76
CA ARG A 506 -14.09 -19.60 3.53
C ARG A 506 -14.48 -20.10 2.14
N ARG A 507 -13.55 -20.75 1.43
CA ARG A 507 -13.82 -21.41 0.16
C ARG A 507 -13.69 -22.92 0.24
N ARG A 508 -12.82 -23.43 1.12
CA ARG A 508 -12.66 -24.86 1.28
C ARG A 508 -13.88 -25.48 1.94
N ASN A 509 -14.47 -24.80 2.92
CA ASN A 509 -15.67 -25.26 3.61
C ASN A 509 -16.94 -24.68 2.99
N HIS A 510 -16.85 -24.00 1.86
CA HIS A 510 -18.01 -23.44 1.20
C HIS A 510 -18.49 -24.37 0.08
N GLY B 13 -42.22 8.49 3.42
CA GLY B 13 -41.82 7.13 3.72
C GLY B 13 -40.32 6.94 3.78
N LEU B 14 -39.69 6.80 2.60
CA LEU B 14 -38.26 6.61 2.50
C LEU B 14 -37.49 7.91 2.29
N ILE B 15 -38.18 9.05 2.30
CA ILE B 15 -37.49 10.32 2.12
C ILE B 15 -36.57 10.61 3.31
N LEU B 16 -36.97 10.19 4.51
CA LEU B 16 -36.12 10.42 5.68
C LEU B 16 -34.90 9.50 5.67
N ALA B 17 -34.99 8.36 4.99
CA ALA B 17 -33.83 7.49 4.87
C ALA B 17 -32.83 8.05 3.87
N MET B 18 -33.31 8.68 2.80
CA MET B 18 -32.41 9.35 1.86
C MET B 18 -31.81 10.60 2.47
N ALA B 19 -32.51 11.24 3.41
CA ALA B 19 -32.01 12.46 4.04
C ALA B 19 -30.99 12.17 5.11
N GLY B 20 -31.13 11.06 5.83
CA GLY B 20 -30.03 10.58 6.66
C GLY B 20 -28.82 10.17 5.87
N ASN B 21 -29.02 9.81 4.59
CA ASN B 21 -27.90 9.53 3.70
C ASN B 21 -27.23 10.82 3.26
N ALA B 22 -28.02 11.77 2.73
CA ALA B 22 -27.44 12.96 2.11
C ALA B 22 -26.89 13.92 3.16
N VAL B 23 -27.70 14.27 4.16
CA VAL B 23 -27.31 15.29 5.13
C VAL B 23 -26.18 14.74 5.99
N GLY B 24 -25.00 15.31 5.86
CA GLY B 24 -23.84 14.86 6.61
C GLY B 24 -22.76 15.93 6.67
N LEU B 25 -21.52 15.47 6.79
CA LEU B 25 -20.39 16.40 6.95
C LEU B 25 -20.18 17.28 5.73
N GLY B 26 -20.65 16.87 4.55
CA GLY B 26 -20.56 17.74 3.39
C GLY B 26 -21.42 18.98 3.49
N ASN B 27 -22.47 18.95 4.31
CA ASN B 27 -23.37 20.08 4.43
C ASN B 27 -22.79 21.20 5.30
N PHE B 28 -22.17 20.84 6.42
CA PHE B 28 -21.75 21.82 7.40
C PHE B 28 -20.25 22.03 7.49
N LEU B 29 -19.45 21.16 6.87
CA LEU B 29 -17.99 21.27 6.95
C LEU B 29 -17.33 21.43 5.60
N ARG B 30 -17.72 20.63 4.60
CA ARG B 30 -17.04 20.68 3.33
C ARG B 30 -17.55 21.83 2.45
N PHE B 31 -18.86 22.01 2.38
CA PHE B 31 -19.40 23.12 1.58
C PHE B 31 -18.86 24.48 2.01
N PRO B 32 -18.78 24.83 3.31
CA PRO B 32 -18.14 26.09 3.67
C PRO B 32 -16.71 26.20 3.19
N VAL B 33 -15.98 25.08 3.14
CA VAL B 33 -14.59 25.11 2.69
C VAL B 33 -14.52 25.25 1.18
N GLN B 34 -15.30 24.45 0.45
CA GLN B 34 -15.25 24.47 -1.01
C GLN B 34 -15.69 25.82 -1.56
N ALA B 35 -16.68 26.45 -0.92
CA ALA B 35 -17.17 27.74 -1.40
C ALA B 35 -16.17 28.86 -1.12
N ALA B 36 -15.63 28.90 0.10
CA ALA B 36 -14.68 29.96 0.47
C ALA B 36 -13.33 29.77 -0.20
N GLU B 37 -13.04 28.57 -0.71
CA GLU B 37 -11.75 28.32 -1.34
C GLU B 37 -11.70 28.86 -2.76
N ASN B 38 -12.82 28.86 -3.47
CA ASN B 38 -12.90 29.36 -4.84
C ASN B 38 -13.44 30.78 -4.91
N GLY B 39 -13.81 31.36 -3.78
CA GLY B 39 -14.34 32.71 -3.75
C GLY B 39 -15.73 32.80 -3.14
N GLY B 40 -16.74 32.35 -3.87
CA GLY B 40 -18.11 32.54 -3.44
C GLY B 40 -18.84 33.51 -4.36
N GLY B 41 -20.04 33.15 -4.79
CA GLY B 41 -20.64 33.87 -5.91
C GLY B 41 -20.05 33.39 -7.22
N ALA B 42 -18.73 33.39 -7.34
CA ALA B 42 -18.07 32.69 -8.42
C ALA B 42 -18.18 31.18 -8.28
N PHE B 43 -18.43 30.69 -7.06
CA PHE B 43 -18.67 29.27 -6.83
C PHE B 43 -20.14 28.91 -6.87
N MET B 44 -21.01 29.85 -6.48
CA MET B 44 -22.44 29.54 -6.38
C MET B 44 -23.14 29.54 -7.73
N ILE B 45 -22.65 30.31 -8.69
CA ILE B 45 -23.27 30.36 -10.01
C ILE B 45 -23.14 29.00 -10.69
N PRO B 46 -21.95 28.37 -10.76
CA PRO B 46 -21.91 26.99 -11.27
C PRO B 46 -22.52 25.97 -10.33
N TYR B 47 -22.65 26.30 -9.04
CA TYR B 47 -23.22 25.37 -8.07
C TYR B 47 -24.72 25.15 -8.33
N ILE B 48 -25.45 26.24 -8.56
CA ILE B 48 -26.88 26.13 -8.85
C ILE B 48 -27.10 25.44 -10.18
N ILE B 49 -26.26 25.74 -11.18
CA ILE B 49 -26.37 25.10 -12.48
C ILE B 49 -26.09 23.61 -12.36
N ALA B 50 -25.15 23.23 -11.50
CA ALA B 50 -24.83 21.82 -11.33
C ALA B 50 -25.95 21.05 -10.65
N PHE B 51 -26.69 21.70 -9.74
CA PHE B 51 -27.78 21.00 -9.07
C PHE B 51 -28.94 20.71 -10.01
N LEU B 52 -29.16 21.59 -10.99
CA LEU B 52 -30.27 21.43 -11.93
C LEU B 52 -29.91 20.56 -13.12
N LEU B 53 -28.71 20.70 -13.66
CA LEU B 53 -28.32 19.97 -14.86
C LEU B 53 -27.63 18.64 -14.57
N VAL B 54 -27.13 18.44 -13.34
CA VAL B 54 -26.33 17.26 -13.03
C VAL B 54 -26.88 16.53 -11.82
N GLY B 55 -27.07 17.25 -10.71
CA GLY B 55 -27.42 16.61 -9.46
C GLY B 55 -28.79 15.93 -9.51
N ILE B 56 -29.81 16.68 -9.93
CA ILE B 56 -31.17 16.12 -10.00
C ILE B 56 -31.27 14.96 -10.99
N PRO B 57 -30.81 15.09 -12.24
CA PRO B 57 -30.95 13.95 -13.17
C PRO B 57 -30.19 12.71 -12.74
N LEU B 58 -28.99 12.87 -12.18
CA LEU B 58 -28.22 11.70 -11.77
C LEU B 58 -28.73 11.08 -10.47
N MET B 59 -29.49 11.83 -9.67
CA MET B 59 -30.18 11.21 -8.54
C MET B 59 -31.19 10.19 -9.03
N TRP B 60 -31.98 10.55 -10.05
CA TRP B 60 -32.94 9.61 -10.61
C TRP B 60 -32.26 8.44 -11.31
N ILE B 61 -31.08 8.66 -11.89
CA ILE B 61 -30.41 7.60 -12.63
C ILE B 61 -29.88 6.53 -11.69
N GLU B 62 -29.22 6.94 -10.60
CA GLU B 62 -28.67 5.97 -9.68
C GLU B 62 -29.76 5.15 -9.00
N TRP B 63 -30.89 5.79 -8.67
CA TRP B 63 -32.01 5.04 -8.10
C TRP B 63 -32.64 4.09 -9.12
N ALA B 64 -32.67 4.48 -10.39
CA ALA B 64 -33.23 3.61 -11.41
C ALA B 64 -32.31 2.43 -11.70
N MET B 65 -31.00 2.65 -11.73
CA MET B 65 -30.07 1.56 -11.98
C MET B 65 -30.06 0.56 -10.84
N GLY B 66 -30.16 1.05 -9.60
CA GLY B 66 -30.13 0.15 -8.46
C GLY B 66 -31.30 -0.81 -8.43
N ARG B 67 -32.50 -0.31 -8.73
CA ARG B 67 -33.66 -1.19 -8.79
C ARG B 67 -33.50 -2.23 -9.89
N TYR B 68 -33.14 -1.79 -11.09
CA TYR B 68 -33.03 -2.70 -12.23
C TYR B 68 -31.98 -3.77 -11.98
N GLY B 69 -30.91 -3.42 -11.26
CA GLY B 69 -29.88 -4.39 -10.93
C GLY B 69 -30.21 -5.20 -9.69
N GLY B 70 -30.81 -4.56 -8.69
CA GLY B 70 -31.18 -5.28 -7.48
C GLY B 70 -32.21 -6.36 -7.70
N ALA B 71 -33.05 -6.20 -8.73
CA ALA B 71 -34.05 -7.20 -9.04
C ALA B 71 -33.42 -8.52 -9.49
N GLN B 72 -32.16 -8.51 -9.91
CA GLN B 72 -31.44 -9.71 -10.31
C GLN B 72 -30.39 -10.12 -9.29
N GLY B 73 -30.41 -9.54 -8.09
CA GLY B 73 -29.50 -9.94 -7.03
C GLY B 73 -28.16 -9.26 -7.04
N HIS B 74 -27.99 -8.16 -7.76
CA HIS B 74 -26.73 -7.43 -7.83
C HIS B 74 -26.90 -6.08 -7.15
N GLY B 75 -25.94 -5.73 -6.30
CA GLY B 75 -26.02 -4.48 -5.56
C GLY B 75 -24.82 -3.58 -5.70
N THR B 76 -23.77 -4.06 -6.37
CA THR B 76 -22.56 -3.30 -6.60
C THR B 76 -22.43 -2.94 -8.07
N THR B 77 -21.68 -1.85 -8.32
CA THR B 77 -21.54 -1.29 -9.67
C THR B 77 -20.80 -2.21 -10.65
N PRO B 78 -19.80 -3.01 -10.24
CA PRO B 78 -19.16 -3.90 -11.23
C PRO B 78 -20.13 -4.92 -11.81
N ALA B 79 -21.03 -5.47 -11.00
CA ALA B 79 -21.97 -6.46 -11.51
C ALA B 79 -23.14 -5.81 -12.25
N ILE B 80 -23.52 -4.60 -11.86
CA ILE B 80 -24.66 -3.93 -12.49
C ILE B 80 -24.25 -3.34 -13.83
N PHE B 81 -23.03 -2.80 -13.92
CA PHE B 81 -22.53 -2.32 -15.21
C PHE B 81 -22.38 -3.47 -16.20
N TYR B 82 -21.84 -4.60 -15.75
CA TYR B 82 -21.68 -5.76 -16.63
C TYR B 82 -23.03 -6.34 -17.03
N LEU B 83 -24.06 -6.16 -16.19
CA LEU B 83 -25.40 -6.62 -16.56
C LEU B 83 -26.00 -5.73 -17.65
N LEU B 84 -25.78 -4.42 -17.56
CA LEU B 84 -26.28 -3.49 -18.56
C LEU B 84 -25.39 -3.40 -19.79
N TRP B 85 -24.12 -3.80 -19.67
CA TRP B 85 -23.16 -3.68 -20.77
C TRP B 85 -22.14 -4.80 -20.61
N ARG B 86 -22.33 -5.87 -21.37
CA ARG B 86 -21.54 -7.09 -21.22
C ARG B 86 -20.16 -6.89 -21.83
N ASN B 87 -19.25 -6.32 -21.05
CA ASN B 87 -17.91 -6.02 -21.52
C ASN B 87 -16.94 -6.08 -20.34
N ARG B 88 -15.70 -6.47 -20.64
CA ARG B 88 -14.65 -6.44 -19.62
C ARG B 88 -14.47 -5.03 -19.07
N PHE B 89 -14.53 -4.02 -19.94
CA PHE B 89 -14.33 -2.64 -19.54
C PHE B 89 -15.44 -2.14 -18.62
N ALA B 90 -16.58 -2.82 -18.58
CA ALA B 90 -17.66 -2.41 -17.69
C ALA B 90 -17.36 -2.75 -16.24
N LYS B 91 -16.81 -3.94 -15.99
CA LYS B 91 -16.45 -4.31 -14.63
C LYS B 91 -15.27 -3.49 -14.11
N ILE B 92 -14.39 -3.04 -15.00
CA ILE B 92 -13.26 -2.22 -14.58
C ILE B 92 -13.74 -0.83 -14.17
N LEU B 93 -14.63 -0.23 -14.96
CA LEU B 93 -15.20 1.06 -14.59
C LEU B 93 -16.09 0.95 -13.35
N GLY B 94 -16.68 -0.22 -13.12
CA GLY B 94 -17.47 -0.44 -11.91
C GLY B 94 -16.65 -0.48 -10.64
N VAL B 95 -15.31 -0.58 -10.76
CA VAL B 95 -14.47 -0.58 -9.56
C VAL B 95 -14.53 0.77 -8.86
N PHE B 96 -14.74 1.85 -9.62
CA PHE B 96 -14.86 3.16 -8.99
C PHE B 96 -16.02 3.22 -8.01
N GLY B 97 -17.10 2.48 -8.30
CA GLY B 97 -18.20 2.35 -7.35
C GLY B 97 -17.80 1.68 -6.05
N LEU B 98 -16.64 1.05 -6.01
CA LEU B 98 -16.06 0.56 -4.77
C LEU B 98 -14.89 1.41 -4.29
N TRP B 99 -14.15 2.02 -5.22
CA TRP B 99 -12.94 2.76 -4.88
C TRP B 99 -13.27 4.11 -4.27
N ILE B 100 -14.17 4.87 -4.91
CA ILE B 100 -14.57 6.17 -4.36
C ILE B 100 -15.17 6.05 -2.98
N PRO B 101 -16.11 5.12 -2.71
CA PRO B 101 -16.58 4.98 -1.32
C PRO B 101 -15.48 4.61 -0.35
N LEU B 102 -14.54 3.76 -0.76
CA LEU B 102 -13.48 3.35 0.14
C LEU B 102 -12.52 4.49 0.44
N VAL B 103 -12.10 5.23 -0.59
CA VAL B 103 -11.16 6.33 -0.39
C VAL B 103 -11.79 7.42 0.48
N VAL B 104 -13.06 7.77 0.19
CA VAL B 104 -13.72 8.80 0.97
C VAL B 104 -13.86 8.37 2.43
N ALA B 105 -14.18 7.08 2.66
CA ALA B 105 -14.31 6.59 4.03
C ALA B 105 -13.00 6.61 4.78
N ILE B 106 -11.86 6.60 4.08
CA ILE B 106 -10.56 6.61 4.76
C ILE B 106 -10.39 7.88 5.58
N TYR B 107 -10.87 9.01 5.06
CA TYR B 107 -10.77 10.28 5.79
C TYR B 107 -12.10 10.78 6.35
N TYR B 108 -13.23 10.36 5.78
CA TYR B 108 -14.52 10.82 6.27
C TYR B 108 -14.74 10.41 7.73
N VAL B 109 -14.42 9.15 8.06
CA VAL B 109 -14.58 8.69 9.44
C VAL B 109 -13.64 9.44 10.38
N TYR B 110 -12.46 9.83 9.88
CA TYR B 110 -11.53 10.60 10.71
C TYR B 110 -12.07 12.00 10.98
N ILE B 111 -12.61 12.66 9.94
CA ILE B 111 -13.27 13.96 10.14
C ILE B 111 -14.44 13.81 11.11
N GLU B 112 -15.18 12.70 10.99
CA GLU B 112 -16.27 12.42 11.91
C GLU B 112 -15.77 12.30 13.34
N SER B 113 -14.57 11.74 13.52
CA SER B 113 -14.00 11.63 14.87
C SER B 113 -13.62 12.99 15.44
N TRP B 114 -13.35 13.98 14.59
CA TRP B 114 -13.05 15.31 15.09
C TRP B 114 -14.27 15.93 15.78
N THR B 115 -15.43 15.85 15.12
CA THR B 115 -16.66 16.38 15.71
C THR B 115 -16.97 15.71 17.04
N LEU B 116 -16.67 14.41 17.16
CA LEU B 116 -16.85 13.74 18.44
C LEU B 116 -15.86 14.24 19.48
N GLY B 117 -14.61 14.46 19.06
CA GLY B 117 -13.61 14.97 19.99
C GLY B 117 -13.93 16.36 20.49
N PHE B 118 -14.41 17.24 19.59
CA PHE B 118 -14.79 18.57 20.02
C PHE B 118 -16.04 18.56 20.89
N ALA B 119 -16.96 17.61 20.65
CA ALA B 119 -18.12 17.48 21.51
C ALA B 119 -17.72 17.09 22.92
N ILE B 120 -16.71 16.22 23.04
CA ILE B 120 -16.23 15.83 24.37
C ILE B 120 -15.52 17.00 25.04
N LYS B 121 -14.77 17.79 24.27
CA LYS B 121 -14.13 18.98 24.81
C LYS B 121 -15.18 19.94 25.37
N PHE B 122 -16.22 20.23 24.59
CA PHE B 122 -17.22 21.20 25.00
C PHE B 122 -18.10 20.66 26.13
N LEU B 123 -18.26 19.35 26.22
CA LEU B 123 -19.04 18.78 27.32
C LEU B 123 -18.33 19.00 28.66
N VAL B 124 -17.00 18.93 28.67
CA VAL B 124 -16.23 19.07 29.90
C VAL B 124 -15.64 20.47 30.06
N GLY B 125 -15.88 21.37 29.12
CA GLY B 125 -15.48 22.76 29.28
C GLY B 125 -14.11 23.13 28.75
N LEU B 126 -13.48 22.25 27.96
CA LEU B 126 -12.20 22.59 27.33
C LEU B 126 -12.49 23.33 26.02
N VAL B 127 -12.74 24.63 26.16
CA VAL B 127 -13.16 25.46 25.04
C VAL B 127 -12.05 26.45 24.69
N PRO B 128 -11.97 26.91 23.43
CA PRO B 128 -11.04 27.99 23.09
C PRO B 128 -11.66 29.35 23.33
N GLU B 129 -10.81 30.30 23.74
CA GLU B 129 -11.27 31.63 24.07
C GLU B 129 -10.41 32.68 23.38
N PRO B 130 -11.03 33.75 22.86
CA PRO B 130 -10.24 34.81 22.25
C PRO B 130 -9.45 35.56 23.32
N PRO B 131 -8.31 36.14 22.96
CA PRO B 131 -7.47 36.80 23.96
C PRO B 131 -8.08 38.12 24.36
N PRO B 132 -8.01 38.47 25.65
CA PRO B 132 -8.50 39.78 26.09
C PRO B 132 -7.55 40.90 25.64
N ASN B 133 -8.09 42.11 25.62
CA ASN B 133 -7.34 43.31 25.26
C ASN B 133 -6.73 43.19 23.87
N ALA B 134 -7.48 42.61 22.94
CA ALA B 134 -6.96 42.41 21.58
C ALA B 134 -8.13 42.23 20.62
N THR B 135 -8.19 43.10 19.60
CA THR B 135 -9.11 42.93 18.49
C THR B 135 -8.37 42.68 17.18
N ASP B 136 -7.10 42.33 17.27
CA ASP B 136 -6.28 42.02 16.10
C ASP B 136 -6.82 40.74 15.45
N PRO B 137 -7.17 40.77 14.16
CA PRO B 137 -7.74 39.56 13.53
C PRO B 137 -6.79 38.38 13.49
N ASP B 138 -5.48 38.58 13.67
CA ASP B 138 -4.56 37.46 13.80
C ASP B 138 -4.41 37.00 15.24
N SER B 139 -4.63 37.89 16.20
CA SER B 139 -4.53 37.50 17.60
C SER B 139 -5.79 36.77 18.08
N ILE B 140 -6.94 37.08 17.50
CA ILE B 140 -8.17 36.37 17.85
C ILE B 140 -8.34 35.07 17.07
N LEU B 141 -7.71 34.96 15.89
CA LEU B 141 -7.69 33.69 15.16
C LEU B 141 -6.72 32.70 15.79
N ARG B 142 -5.68 33.19 16.45
CA ARG B 142 -4.63 32.31 16.97
C ARG B 142 -5.14 31.26 17.94
N PRO B 143 -5.92 31.57 18.98
CA PRO B 143 -6.35 30.50 19.89
C PRO B 143 -7.35 29.54 19.27
N PHE B 144 -8.15 30.00 18.31
CA PHE B 144 -9.08 29.10 17.63
C PHE B 144 -8.37 28.27 16.58
N LYS B 145 -7.31 28.80 15.97
CA LYS B 145 -6.47 27.99 15.10
C LYS B 145 -5.71 26.93 15.90
N GLU B 146 -5.21 27.31 17.08
CA GLU B 146 -4.46 26.38 17.91
C GLU B 146 -5.33 25.26 18.45
N PHE B 147 -6.61 25.55 18.74
CA PHE B 147 -7.50 24.54 19.29
C PHE B 147 -7.66 23.35 18.34
N LEU B 148 -7.76 23.62 17.04
CA LEU B 148 -7.86 22.54 16.07
C LEU B 148 -6.50 21.96 15.73
N TYR B 149 -5.49 22.82 15.55
CA TYR B 149 -4.19 22.35 15.09
C TYR B 149 -3.47 21.51 16.13
N SER B 150 -3.67 21.81 17.42
CA SER B 150 -3.08 20.96 18.46
C SER B 150 -3.81 19.63 18.56
N TYR B 151 -5.07 19.56 18.13
CA TYR B 151 -5.81 18.31 18.14
C TYR B 151 -5.38 17.41 16.99
N ILE B 152 -5.44 17.92 15.76
CA ILE B 152 -5.07 17.12 14.59
C ILE B 152 -3.58 17.11 14.33
N GLY B 153 -2.81 17.92 15.05
CA GLY B 153 -1.36 17.83 14.99
C GLY B 153 -0.71 18.54 13.82
N VAL B 154 -1.25 19.68 13.40
CA VAL B 154 -0.65 20.45 12.31
C VAL B 154 0.59 21.17 12.82
N PRO B 155 1.76 20.92 12.23
CA PRO B 155 2.96 21.66 12.63
C PRO B 155 3.05 23.00 11.93
N LYS B 156 3.90 23.87 12.46
CA LYS B 156 4.12 25.18 11.90
C LYS B 156 5.31 25.12 10.93
N GLY B 157 5.08 25.47 9.67
CA GLY B 157 6.17 25.57 8.72
C GLY B 157 6.19 24.52 7.63
N ASP B 158 5.02 23.95 7.32
CA ASP B 158 4.88 22.96 6.24
C ASP B 158 5.80 21.76 6.43
N GLU B 159 5.83 21.24 7.66
CA GLU B 159 6.54 20.00 7.87
C GLU B 159 5.66 18.82 7.47
N PRO B 160 6.24 17.76 6.89
CA PRO B 160 5.40 16.72 6.27
C PRO B 160 4.72 15.78 7.26
N ILE B 161 5.19 15.67 8.49
CA ILE B 161 4.68 14.69 9.44
C ILE B 161 3.73 15.37 10.41
N LEU B 162 2.47 14.92 10.42
CA LEU B 162 1.52 15.36 11.42
C LEU B 162 1.72 14.59 12.71
N LYS B 163 1.44 15.24 13.83
CA LYS B 163 1.56 14.63 15.16
C LYS B 163 0.29 14.91 15.96
N PRO B 164 -0.81 14.24 15.61
CA PRO B 164 -2.06 14.46 16.35
C PRO B 164 -1.96 13.96 17.78
N SER B 165 -2.75 14.59 18.65
CA SER B 165 -2.72 14.26 20.07
C SER B 165 -3.16 12.83 20.31
N LEU B 166 -2.79 12.30 21.48
CA LEU B 166 -3.24 10.98 21.88
C LEU B 166 -4.76 10.93 22.00
N PHE B 167 -5.35 12.02 22.50
CA PHE B 167 -6.80 12.08 22.63
C PHE B 167 -7.48 11.99 21.28
N ALA B 168 -6.91 12.63 20.26
CA ALA B 168 -7.48 12.54 18.91
C ALA B 168 -7.38 11.14 18.36
N TYR B 169 -6.33 10.39 18.70
CA TYR B 169 -6.19 9.03 18.22
C TYR B 169 -7.20 8.10 18.90
N ILE B 170 -7.35 8.25 20.23
CA ILE B 170 -8.27 7.38 20.96
C ILE B 170 -9.71 7.63 20.52
N VAL B 171 -10.07 8.88 20.28
CA VAL B 171 -11.41 9.20 19.80
C VAL B 171 -11.65 8.61 18.42
N PHE B 172 -10.61 8.54 17.59
CA PHE B 172 -10.75 7.89 16.29
C PHE B 172 -11.06 6.41 16.46
N LEU B 173 -10.39 5.74 17.42
CA LEU B 173 -10.68 4.34 17.69
C LEU B 173 -12.13 4.14 18.07
N ILE B 174 -12.64 4.98 18.99
CA ILE B 174 -14.02 4.85 19.45
C ILE B 174 -14.99 5.08 18.30
N THR B 175 -14.69 6.06 17.42
CA THR B 175 -15.54 6.29 16.27
C THR B 175 -15.57 5.08 15.34
N MET B 176 -14.43 4.41 15.19
CA MET B 176 -14.41 3.15 14.44
C MET B 176 -15.25 2.09 15.13
N PHE B 177 -15.18 2.02 16.46
CA PHE B 177 -15.93 1.01 17.20
C PHE B 177 -17.43 1.25 17.10
N ILE B 178 -17.85 2.52 17.04
CA ILE B 178 -19.27 2.83 16.92
C ILE B 178 -19.77 2.47 15.52
N ASN B 179 -18.96 2.72 14.49
CA ASN B 179 -19.36 2.37 13.14
C ASN B 179 -19.46 0.86 12.96
N VAL B 180 -18.51 0.11 13.52
CA VAL B 180 -18.51 -1.34 13.35
C VAL B 180 -19.71 -1.96 14.04
N SER B 181 -20.06 -1.47 15.23
CA SER B 181 -21.17 -2.04 15.99
C SER B 181 -22.48 -1.88 15.24
N ILE B 182 -22.76 -0.67 14.77
CA ILE B 182 -24.02 -0.42 14.06
C ILE B 182 -24.05 -1.17 12.73
N LEU B 183 -22.90 -1.31 12.07
CA LEU B 183 -22.87 -2.01 10.80
C LEU B 183 -23.12 -3.51 10.96
N ILE B 184 -22.81 -4.05 12.15
CA ILE B 184 -22.98 -5.48 12.39
C ILE B 184 -24.37 -5.75 12.96
N ARG B 185 -24.67 -5.15 14.10
CA ARG B 185 -25.94 -5.41 14.78
C ARG B 185 -27.11 -4.66 14.17
N GLY B 186 -26.89 -3.81 13.18
CA GLY B 186 -27.95 -3.08 12.53
C GLY B 186 -28.40 -1.87 13.33
N ILE B 187 -29.31 -1.10 12.72
CA ILE B 187 -29.84 0.10 13.35
C ILE B 187 -30.80 -0.32 14.46
N SER B 188 -30.41 -0.08 15.71
CA SER B 188 -31.24 -0.44 16.84
C SER B 188 -32.50 0.42 16.90
N LYS B 189 -33.49 -0.07 17.63
CA LYS B 189 -34.70 0.72 17.87
C LYS B 189 -34.44 1.84 18.86
N GLY B 190 -33.37 1.76 19.64
CA GLY B 190 -33.01 2.83 20.55
C GLY B 190 -32.36 4.00 19.84
N ILE B 191 -31.55 3.70 18.83
CA ILE B 191 -30.92 4.79 18.07
C ILE B 191 -31.85 5.28 16.97
N GLU B 192 -32.79 4.44 16.51
CA GLU B 192 -33.85 4.92 15.64
C GLU B 192 -34.76 5.87 16.40
N ARG B 193 -34.98 5.60 17.69
CA ARG B 193 -35.64 6.54 18.58
C ARG B 193 -34.84 7.82 18.75
N PHE B 194 -33.52 7.75 18.56
CA PHE B 194 -32.68 8.93 18.73
C PHE B 194 -32.65 9.79 17.48
N ALA B 195 -32.69 9.17 16.30
CA ALA B 195 -32.61 9.93 15.05
C ALA B 195 -33.81 10.85 14.88
N LYS B 196 -34.98 10.42 15.34
CA LYS B 196 -36.19 11.23 15.21
C LYS B 196 -36.19 12.42 16.17
N ILE B 197 -35.28 12.43 17.15
CA ILE B 197 -35.10 13.57 18.02
C ILE B 197 -33.87 14.41 17.62
N ALA B 198 -32.82 13.78 17.07
CA ALA B 198 -31.58 14.50 16.80
C ALA B 198 -31.69 15.41 15.58
N MET B 199 -32.15 14.88 14.45
CA MET B 199 -32.24 15.68 13.23
C MET B 199 -33.20 16.85 13.34
N PRO B 200 -34.36 16.74 14.01
CA PRO B 200 -35.13 17.97 14.29
C PRO B 200 -34.38 18.95 15.18
N THR B 201 -33.67 18.44 16.19
CA THR B 201 -32.94 19.32 17.10
C THR B 201 -31.83 20.06 16.35
N LEU B 202 -31.19 19.40 15.39
CA LEU B 202 -30.13 20.05 14.63
C LEU B 202 -30.70 21.16 13.75
N PHE B 203 -31.86 20.93 13.13
CA PHE B 203 -32.48 21.96 12.30
C PHE B 203 -32.88 23.17 13.13
N ILE B 204 -33.45 22.93 14.31
CA ILE B 204 -33.86 24.05 15.17
C ILE B 204 -32.63 24.79 15.69
N LEU B 205 -31.55 24.07 16.00
CA LEU B 205 -30.33 24.73 16.46
C LEU B 205 -29.69 25.55 15.35
N ALA B 206 -29.69 25.02 14.13
CA ALA B 206 -29.06 25.73 13.02
C ALA B 206 -29.84 26.99 12.66
N VAL B 207 -31.17 26.93 12.69
CA VAL B 207 -31.98 28.12 12.44
C VAL B 207 -31.74 29.16 13.52
N PHE B 208 -31.45 28.72 14.75
CA PHE B 208 -31.08 29.66 15.81
C PHE B 208 -29.70 30.26 15.56
N LEU B 209 -28.76 29.45 15.05
CA LEU B 209 -27.40 29.93 14.88
C LEU B 209 -27.30 30.94 13.75
N VAL B 210 -28.04 30.73 12.65
CA VAL B 210 -28.00 31.69 11.56
C VAL B 210 -28.59 33.02 11.99
N ILE B 211 -29.59 33.00 12.88
CA ILE B 211 -30.08 34.24 13.47
C ILE B 211 -29.01 34.87 14.36
N ARG B 212 -28.28 34.04 15.10
CA ARG B 212 -27.20 34.54 15.94
C ARG B 212 -26.07 35.10 15.09
N VAL B 213 -25.70 34.41 14.01
CA VAL B 213 -24.58 34.87 13.18
C VAL B 213 -24.94 36.16 12.46
N PHE B 214 -26.17 36.27 11.95
CA PHE B 214 -26.58 37.48 11.24
C PHE B 214 -26.52 38.72 12.14
N LEU B 215 -26.60 38.54 13.46
CA LEU B 215 -26.51 39.65 14.39
C LEU B 215 -25.09 39.87 14.93
N LEU B 216 -24.08 39.45 14.17
CA LEU B 216 -22.68 39.59 14.59
C LEU B 216 -22.08 40.84 13.97
N GLU B 217 -21.39 41.64 14.79
CA GLU B 217 -20.58 42.75 14.29
C GLU B 217 -19.30 42.79 15.10
N THR B 218 -18.18 42.92 14.43
CA THR B 218 -16.86 42.90 15.05
C THR B 218 -16.08 44.12 14.60
N PRO B 219 -15.00 44.47 15.30
CA PRO B 219 -14.10 45.52 14.81
C PRO B 219 -13.37 45.16 13.53
N ASN B 220 -13.57 43.95 13.00
CA ASN B 220 -12.89 43.51 11.78
C ASN B 220 -13.84 43.14 10.65
N GLY B 221 -15.15 43.24 10.87
CA GLY B 221 -16.10 42.91 9.83
C GLY B 221 -17.44 42.55 10.41
N THR B 222 -18.40 42.35 9.52
CA THR B 222 -19.77 41.98 9.89
C THR B 222 -20.17 40.72 9.12
N ALA B 223 -21.31 40.15 9.53
CA ALA B 223 -21.84 39.00 8.82
C ALA B 223 -22.50 39.39 7.51
N ALA B 224 -23.03 40.62 7.43
CA ALA B 224 -23.53 41.12 6.15
C ALA B 224 -22.43 41.19 5.12
N ASP B 225 -21.20 41.47 5.54
CA ASP B 225 -20.06 41.39 4.64
C ASP B 225 -19.80 39.95 4.22
N GLY B 226 -20.11 38.98 5.08
CA GLY B 226 -19.93 37.59 4.72
C GLY B 226 -20.92 37.13 3.67
N LEU B 227 -22.18 37.55 3.78
CA LEU B 227 -23.17 37.18 2.78
C LEU B 227 -22.90 37.87 1.45
N ASN B 228 -22.31 39.07 1.47
CA ASN B 228 -21.87 39.71 0.24
C ASN B 228 -20.69 38.98 -0.39
N PHE B 229 -19.95 38.21 0.41
CA PHE B 229 -18.83 37.43 -0.10
C PHE B 229 -19.29 36.18 -0.82
N LEU B 230 -20.36 35.55 -0.32
CA LEU B 230 -20.82 34.26 -0.82
C LEU B 230 -21.82 34.37 -1.96
N TRP B 231 -22.56 35.47 -2.05
CA TRP B 231 -23.66 35.56 -3.01
C TRP B 231 -23.47 36.62 -4.10
N THR B 232 -22.40 37.41 -4.06
CA THR B 232 -22.13 38.36 -5.12
C THR B 232 -21.18 37.72 -6.12
N PRO B 233 -21.62 37.44 -7.34
CA PRO B 233 -20.79 36.66 -8.27
C PRO B 233 -19.64 37.48 -8.85
N ASP B 234 -18.53 36.78 -9.09
CA ASP B 234 -17.38 37.34 -9.81
C ASP B 234 -17.30 36.63 -11.15
N PHE B 235 -17.50 37.38 -12.23
CA PHE B 235 -17.58 36.78 -13.57
C PHE B 235 -16.22 36.54 -14.21
N GLU B 236 -15.13 37.00 -13.59
CA GLU B 236 -13.80 36.68 -14.12
C GLU B 236 -13.41 35.24 -13.78
N LYS B 237 -13.72 34.79 -12.57
CA LYS B 237 -13.43 33.42 -12.17
C LYS B 237 -14.44 32.42 -12.71
N LEU B 238 -15.43 32.88 -13.48
CA LEU B 238 -16.39 31.98 -14.10
C LEU B 238 -15.79 31.17 -15.24
N LYS B 239 -14.60 31.55 -15.73
CA LYS B 239 -13.90 30.81 -16.77
C LYS B 239 -12.84 29.87 -16.21
N ASP B 240 -12.80 29.70 -14.89
CA ASP B 240 -11.82 28.81 -14.26
C ASP B 240 -12.41 27.41 -14.18
N PRO B 241 -11.88 26.42 -14.91
CA PRO B 241 -12.46 25.08 -14.86
C PRO B 241 -12.29 24.40 -13.52
N GLY B 242 -11.25 24.75 -12.76
CA GLY B 242 -11.09 24.19 -11.43
C GLY B 242 -12.21 24.60 -10.49
N VAL B 243 -12.79 25.79 -10.71
CA VAL B 243 -13.94 26.21 -9.92
C VAL B 243 -15.18 25.45 -10.35
N TRP B 244 -15.36 25.27 -11.66
CA TRP B 244 -16.53 24.52 -12.15
C TRP B 244 -16.49 23.08 -11.68
N ILE B 245 -15.31 22.45 -11.68
CA ILE B 245 -15.22 21.06 -11.29
C ILE B 245 -15.32 20.88 -9.78
N ALA B 246 -15.05 21.93 -9.00
CA ALA B 246 -15.24 21.85 -7.56
C ALA B 246 -16.71 21.97 -7.18
N ALA B 247 -17.48 22.78 -7.93
CA ALA B 247 -18.90 22.91 -7.64
C ALA B 247 -19.66 21.66 -8.06
N VAL B 248 -19.35 21.10 -9.23
CA VAL B 248 -19.99 19.86 -9.65
C VAL B 248 -19.61 18.73 -8.69
N GLY B 249 -18.35 18.68 -8.27
CA GLY B 249 -17.93 17.65 -7.34
C GLY B 249 -18.61 17.76 -5.99
N GLN B 250 -18.87 18.99 -5.54
CA GLN B 250 -19.57 19.18 -4.26
C GLN B 250 -21.01 18.73 -4.35
N ILE B 251 -21.67 18.94 -5.49
CA ILE B 251 -23.05 18.51 -5.67
C ILE B 251 -23.14 16.99 -5.56
N PHE B 252 -22.24 16.28 -6.24
CA PHE B 252 -22.18 14.82 -6.10
C PHE B 252 -21.96 14.43 -4.65
N PHE B 253 -21.00 15.08 -3.99
CA PHE B 253 -20.64 14.70 -2.63
C PHE B 253 -21.82 14.85 -1.68
N THR B 254 -22.46 16.03 -1.70
CA THR B 254 -23.51 16.30 -0.71
C THR B 254 -24.78 15.48 -1.00
N LEU B 255 -25.02 15.13 -2.26
CA LEU B 255 -26.19 14.33 -2.62
C LEU B 255 -25.90 12.83 -2.63
N SER B 256 -24.71 12.42 -2.17
CA SER B 256 -24.30 11.01 -2.12
C SER B 256 -24.25 10.38 -3.50
N LEU B 257 -24.04 11.20 -4.53
CA LEU B 257 -23.98 10.73 -5.90
C LEU B 257 -22.52 10.60 -6.36
N GLY B 258 -22.33 9.95 -7.49
CA GLY B 258 -21.00 9.65 -7.96
C GLY B 258 -20.29 8.55 -7.22
N PHE B 259 -20.94 7.92 -6.25
CA PHE B 259 -20.41 6.76 -5.55
C PHE B 259 -21.09 5.51 -6.12
N GLY B 260 -21.00 4.39 -5.40
CA GLY B 260 -21.84 3.25 -5.66
C GLY B 260 -22.81 3.08 -4.50
N ALA B 261 -23.03 4.16 -3.76
CA ALA B 261 -23.81 4.09 -2.52
C ALA B 261 -25.31 4.11 -2.79
N ILE B 262 -25.78 5.11 -3.54
CA ILE B 262 -27.20 5.19 -3.86
C ILE B 262 -27.62 3.96 -4.67
N ILE B 263 -26.74 3.45 -5.51
CA ILE B 263 -27.05 2.26 -6.31
C ILE B 263 -27.27 1.06 -5.39
N THR B 264 -26.49 0.97 -4.31
CA THR B 264 -26.63 -0.16 -3.39
C THR B 264 -27.91 -0.05 -2.58
N TYR B 265 -28.24 1.15 -2.11
CA TYR B 265 -29.50 1.33 -1.39
C TYR B 265 -30.70 1.09 -2.30
N ALA B 266 -30.59 1.48 -3.56
CA ALA B 266 -31.68 1.26 -4.50
C ALA B 266 -31.81 -0.21 -4.88
N SER B 267 -30.79 -1.03 -4.61
CA SER B 267 -30.86 -2.44 -4.92
C SER B 267 -31.78 -3.22 -3.98
N TYR B 268 -32.42 -2.55 -3.03
CA TYR B 268 -33.40 -3.17 -2.14
C TYR B 268 -34.80 -2.60 -2.35
N VAL B 269 -34.99 -1.72 -3.33
CA VAL B 269 -36.26 -1.09 -3.61
C VAL B 269 -36.97 -1.84 -4.72
N ARG B 270 -38.28 -2.02 -4.57
CA ARG B 270 -39.07 -2.66 -5.61
C ARG B 270 -39.16 -1.75 -6.83
N LYS B 271 -39.24 -2.37 -8.01
CA LYS B 271 -39.19 -1.65 -9.27
C LYS B 271 -40.50 -0.95 -9.62
N ASP B 272 -41.47 -0.89 -8.70
CA ASP B 272 -42.74 -0.22 -8.96
C ASP B 272 -43.06 0.82 -7.89
N GLN B 273 -42.06 1.24 -7.12
CA GLN B 273 -42.25 2.32 -6.16
C GLN B 273 -41.87 3.65 -6.79
N ASP B 274 -42.00 4.73 -6.02
CA ASP B 274 -41.73 6.07 -6.52
C ASP B 274 -40.26 6.42 -6.36
N ILE B 275 -39.64 6.86 -7.45
CA ILE B 275 -38.31 7.44 -7.42
C ILE B 275 -38.36 8.96 -7.59
N VAL B 276 -39.18 9.43 -8.54
CA VAL B 276 -39.13 10.83 -8.97
C VAL B 276 -39.45 11.76 -7.80
N LEU B 277 -40.59 11.55 -7.15
CA LEU B 277 -41.01 12.46 -6.08
C LEU B 277 -40.11 12.32 -4.86
N SER B 278 -39.77 11.08 -4.47
CA SER B 278 -38.99 10.87 -3.26
C SER B 278 -37.56 11.35 -3.43
N GLY B 279 -36.98 11.16 -4.62
CA GLY B 279 -35.62 11.62 -4.85
C GLY B 279 -35.52 13.13 -4.95
N LEU B 280 -36.49 13.76 -5.61
CA LEU B 280 -36.49 15.22 -5.71
C LEU B 280 -36.77 15.88 -4.37
N THR B 281 -37.55 15.23 -3.51
CA THR B 281 -37.81 15.78 -2.18
C THR B 281 -36.57 15.69 -1.30
N ALA B 282 -35.81 14.60 -1.42
CA ALA B 282 -34.62 14.43 -0.59
C ALA B 282 -33.50 15.36 -1.04
N ALA B 283 -33.34 15.55 -2.36
CA ALA B 283 -32.28 16.44 -2.85
C ALA B 283 -32.52 17.86 -2.41
N THR B 284 -33.76 18.35 -2.54
CA THR B 284 -34.06 19.72 -2.13
C THR B 284 -33.96 19.88 -0.63
N LEU B 285 -34.41 18.88 0.13
CA LEU B 285 -34.27 18.92 1.58
C LEU B 285 -32.80 18.98 1.99
N ASN B 286 -31.92 18.32 1.22
CA ASN B 286 -30.50 18.36 1.52
C ASN B 286 -29.91 19.74 1.23
N GLU B 287 -30.30 20.35 0.11
CA GLU B 287 -29.75 21.67 -0.24
C GLU B 287 -30.18 22.74 0.75
N LYS B 288 -31.39 22.63 1.30
CA LYS B 288 -31.82 23.58 2.32
C LYS B 288 -30.93 23.50 3.55
N ALA B 289 -30.48 22.31 3.91
CA ALA B 289 -29.59 22.14 5.04
C ALA B 289 -28.16 22.55 4.73
N GLU B 290 -27.84 22.87 3.47
CA GLU B 290 -26.47 23.17 3.06
C GLU B 290 -26.26 24.66 2.85
N VAL B 291 -27.00 25.27 1.93
CA VAL B 291 -26.78 26.68 1.62
C VAL B 291 -27.48 27.58 2.64
N ILE B 292 -28.65 27.17 3.13
CA ILE B 292 -29.37 28.00 4.08
C ILE B 292 -28.84 27.80 5.49
N LEU B 293 -28.44 26.57 5.83
CA LEU B 293 -27.98 26.30 7.19
C LEU B 293 -26.47 26.28 7.27
N GLY B 294 -25.84 25.32 6.58
CA GLY B 294 -24.40 25.16 6.72
C GLY B 294 -23.61 26.31 6.15
N GLY B 295 -23.97 26.76 4.95
CA GLY B 295 -23.22 27.83 4.30
C GLY B 295 -23.46 29.20 4.88
N SER B 296 -24.60 29.41 5.54
CA SER B 296 -24.95 30.72 6.08
C SER B 296 -24.53 30.89 7.53
N ILE B 297 -23.93 29.88 8.15
CA ILE B 297 -23.44 29.97 9.52
C ILE B 297 -21.93 30.14 9.55
N SER B 298 -21.21 29.27 8.84
CA SER B 298 -19.74 29.23 8.95
C SER B 298 -19.08 30.40 8.23
N ILE B 299 -19.44 30.61 6.96
CA ILE B 299 -18.78 31.61 6.14
C ILE B 299 -19.07 33.03 6.62
N PRO B 300 -20.33 33.43 6.86
CA PRO B 300 -20.56 34.81 7.33
C PRO B 300 -19.91 35.09 8.68
N ALA B 301 -19.77 34.09 9.54
CA ALA B 301 -19.13 34.30 10.82
C ALA B 301 -17.61 34.37 10.69
N ALA B 302 -17.03 33.54 9.82
CA ALA B 302 -15.58 33.59 9.61
C ALA B 302 -15.15 34.95 9.07
N VAL B 303 -15.92 35.51 8.15
CA VAL B 303 -15.61 36.84 7.62
C VAL B 303 -15.77 37.89 8.71
N ALA B 304 -16.81 37.75 9.54
CA ALA B 304 -17.05 38.74 10.60
C ALA B 304 -15.95 38.68 11.66
N PHE B 305 -15.56 37.48 12.08
CA PHE B 305 -14.55 37.34 13.13
C PHE B 305 -13.15 37.61 12.59
N PHE B 306 -12.77 36.93 11.52
CA PHE B 306 -11.37 36.92 11.09
C PHE B 306 -11.10 37.77 9.86
N GLY B 307 -12.11 38.10 9.07
CA GLY B 307 -11.92 38.83 7.84
C GLY B 307 -11.88 37.92 6.63
N VAL B 308 -11.97 38.55 5.45
CA VAL B 308 -12.04 37.79 4.20
C VAL B 308 -10.70 37.15 3.91
N ALA B 309 -9.60 37.85 4.21
CA ALA B 309 -8.26 37.32 3.89
C ALA B 309 -8.00 36.00 4.63
N ASN B 310 -8.42 35.91 5.88
CA ASN B 310 -8.17 34.70 6.66
C ASN B 310 -9.20 33.61 6.35
N ALA B 311 -10.45 33.99 6.07
CA ALA B 311 -11.46 32.99 5.74
C ALA B 311 -11.07 32.21 4.49
N VAL B 312 -10.47 32.88 3.50
CA VAL B 312 -10.01 32.20 2.31
C VAL B 312 -8.75 31.37 2.61
N ALA B 313 -7.88 31.88 3.47
CA ALA B 313 -6.64 31.18 3.77
C ALA B 313 -6.90 29.91 4.58
N ILE B 314 -7.87 29.94 5.50
CA ILE B 314 -8.22 28.75 6.25
C ILE B 314 -8.88 27.73 5.34
N ALA B 315 -9.71 28.19 4.40
CA ALA B 315 -10.37 27.27 3.48
C ALA B 315 -9.38 26.59 2.54
N LYS B 316 -8.28 27.26 2.21
CA LYS B 316 -7.26 26.67 1.34
C LYS B 316 -6.25 25.83 2.10
N ALA B 317 -6.06 26.07 3.39
CA ALA B 317 -5.09 25.32 4.18
C ALA B 317 -5.59 23.94 4.58
N GLY B 318 -6.89 23.66 4.42
CA GLY B 318 -7.43 22.36 4.77
C GLY B 318 -8.69 22.08 4.00
N ALA B 319 -9.14 20.83 4.10
CA ALA B 319 -10.34 20.39 3.39
C ALA B 319 -11.59 20.45 4.23
N PHE B 320 -11.47 20.44 5.56
CA PHE B 320 -12.63 20.51 6.43
C PHE B 320 -12.38 21.41 7.65
N ASN B 321 -11.31 22.20 7.66
CA ASN B 321 -10.88 22.89 8.87
C ASN B 321 -11.76 24.09 9.22
N LEU B 322 -12.35 24.75 8.22
CA LEU B 322 -12.96 26.06 8.46
C LEU B 322 -14.08 25.98 9.50
N GLY B 323 -14.94 24.96 9.40
CA GLY B 323 -16.03 24.84 10.36
C GLY B 323 -15.57 24.59 11.78
N PHE B 324 -14.43 23.91 11.94
CA PHE B 324 -13.91 23.62 13.27
C PHE B 324 -13.26 24.82 13.92
N ILE B 325 -12.87 25.83 13.14
CA ILE B 325 -12.29 27.05 13.67
C ILE B 325 -13.34 28.14 13.87
N THR B 326 -14.28 28.25 12.92
CA THR B 326 -15.25 29.34 12.97
C THR B 326 -16.33 29.10 14.02
N LEU B 327 -16.85 27.87 14.10
CA LEU B 327 -17.96 27.60 15.00
C LEU B 327 -17.62 27.82 16.47
N PRO B 328 -16.51 27.34 17.01
CA PRO B 328 -16.18 27.66 18.41
C PRO B 328 -16.00 29.15 18.67
N ALA B 329 -15.67 29.93 17.64
CA ALA B 329 -15.63 31.39 17.82
C ALA B 329 -17.03 31.96 18.00
N ILE B 330 -18.00 31.42 17.25
CA ILE B 330 -19.39 31.80 17.45
C ILE B 330 -19.82 31.49 18.87
N PHE B 331 -19.53 30.27 19.33
CA PHE B 331 -19.97 29.83 20.65
C PHE B 331 -19.27 30.57 21.77
N SER B 332 -18.09 31.15 21.52
CA SER B 332 -17.41 31.92 22.56
C SER B 332 -18.09 33.26 22.82
N GLN B 333 -18.92 33.73 21.89
CA GLN B 333 -19.61 35.01 22.02
C GLN B 333 -21.09 34.87 22.32
N THR B 334 -21.63 33.65 22.34
CA THR B 334 -23.05 33.42 22.55
C THR B 334 -23.27 32.89 23.96
N ALA B 335 -24.34 33.37 24.60
CA ALA B 335 -24.68 32.93 25.94
C ALA B 335 -25.09 31.46 25.93
N GLY B 336 -24.49 30.68 26.82
CA GLY B 336 -24.70 29.24 26.79
C GLY B 336 -24.03 28.57 25.62
N GLY B 337 -22.97 29.17 25.08
CA GLY B 337 -22.35 28.65 23.88
C GLY B 337 -21.64 27.33 24.06
N THR B 338 -21.06 27.11 25.25
CA THR B 338 -20.40 25.84 25.51
C THR B 338 -21.41 24.69 25.48
N PHE B 339 -22.60 24.90 26.04
CA PHE B 339 -23.64 23.89 25.92
C PHE B 339 -24.13 23.77 24.49
N LEU B 340 -24.32 24.91 23.80
CA LEU B 340 -24.72 24.86 22.40
C LEU B 340 -23.63 24.28 21.51
N GLY B 341 -22.37 24.53 21.86
CA GLY B 341 -21.28 23.88 21.13
C GLY B 341 -21.26 22.38 21.32
N PHE B 342 -21.71 21.91 22.49
CA PHE B 342 -21.82 20.47 22.71
C PHE B 342 -22.88 19.86 21.81
N LEU B 343 -24.08 20.45 21.79
CA LEU B 343 -25.15 19.93 20.95
C LEU B 343 -24.82 20.07 19.46
N TRP B 344 -24.11 21.13 19.08
CA TRP B 344 -23.77 21.32 17.67
C TRP B 344 -22.84 20.22 17.18
N PHE B 345 -21.72 20.02 17.87
CA PHE B 345 -20.75 19.02 17.42
C PHE B 345 -21.21 17.60 17.69
N PHE B 346 -22.19 17.40 18.57
CA PHE B 346 -22.71 16.06 18.79
C PHE B 346 -23.74 15.70 17.72
N LEU B 347 -24.63 16.62 17.37
CA LEU B 347 -25.56 16.38 16.27
C LEU B 347 -24.84 16.37 14.94
N LEU B 348 -23.74 17.12 14.83
CA LEU B 348 -22.88 17.01 13.65
C LEU B 348 -22.18 15.65 13.59
N PHE B 349 -21.87 15.08 14.75
CA PHE B 349 -21.32 13.73 14.79
C PHE B 349 -22.34 12.70 14.34
N PHE B 350 -23.59 12.81 14.84
CA PHE B 350 -24.63 11.87 14.43
C PHE B 350 -24.97 12.01 12.95
N ALA B 351 -24.91 13.24 12.43
CA ALA B 351 -25.11 13.42 11.00
C ALA B 351 -24.01 12.75 10.17
N GLY B 352 -22.80 12.67 10.72
CA GLY B 352 -21.73 11.96 10.03
C GLY B 352 -21.79 10.47 10.23
N LEU B 353 -22.35 10.01 11.35
CA LEU B 353 -22.44 8.59 11.62
C LEU B 353 -23.40 7.90 10.64
N THR B 354 -24.58 8.49 10.44
CA THR B 354 -25.54 7.92 9.50
C THR B 354 -25.05 7.99 8.06
N SER B 355 -24.15 8.93 7.76
CA SER B 355 -23.60 9.04 6.41
C SER B 355 -22.44 8.07 6.19
N SER B 356 -21.63 7.81 7.22
CA SER B 356 -20.46 6.96 7.04
C SER B 356 -20.82 5.48 6.99
N ILE B 357 -21.89 5.07 7.68
CA ILE B 357 -22.34 3.69 7.54
C ILE B 357 -22.93 3.44 6.16
N ALA B 358 -23.38 4.50 5.47
CA ALA B 358 -23.84 4.35 4.10
C ALA B 358 -22.67 4.40 3.11
N ILE B 359 -21.59 5.08 3.46
CA ILE B 359 -20.42 5.15 2.59
C ILE B 359 -19.74 3.79 2.51
N MET B 360 -19.60 3.11 3.65
CA MET B 360 -18.98 1.79 3.69
C MET B 360 -19.93 0.67 3.28
N GLN B 361 -21.12 1.02 2.77
CA GLN B 361 -22.11 0.01 2.39
C GLN B 361 -21.74 -0.72 1.10
N PRO B 362 -21.30 -0.03 0.04
CA PRO B 362 -20.91 -0.77 -1.18
C PRO B 362 -19.79 -1.76 -0.96
N MET B 363 -18.81 -1.42 -0.13
CA MET B 363 -17.71 -2.33 0.13
C MET B 363 -18.20 -3.58 0.86
N ILE B 364 -19.06 -3.40 1.87
CA ILE B 364 -19.63 -4.54 2.58
C ILE B 364 -20.52 -5.34 1.65
N ALA B 365 -21.33 -4.66 0.84
CA ALA B 365 -22.24 -5.36 -0.07
C ALA B 365 -21.48 -6.08 -1.19
N PHE B 366 -20.23 -5.70 -1.46
CA PHE B 366 -19.44 -6.45 -2.43
C PHE B 366 -18.80 -7.69 -1.82
N LEU B 367 -18.45 -7.66 -0.53
CA LEU B 367 -17.84 -8.80 0.13
C LEU B 367 -18.83 -9.90 0.46
N GLU B 368 -20.13 -9.62 0.41
CA GLU B 368 -21.17 -10.62 0.62
C GLU B 368 -21.68 -11.20 -0.70
N ASP B 369 -22.23 -10.36 -1.57
CA ASP B 369 -22.84 -10.86 -2.80
C ASP B 369 -21.80 -11.56 -3.68
N GLU B 370 -20.65 -10.94 -3.85
CA GLU B 370 -19.46 -11.62 -4.34
C GLU B 370 -18.57 -11.97 -3.16
N LEU B 371 -17.64 -12.90 -3.38
CA LEU B 371 -16.67 -13.33 -2.38
C LEU B 371 -17.32 -14.09 -1.22
N LYS B 372 -18.63 -13.94 -1.05
CA LYS B 372 -19.43 -14.80 -0.15
C LYS B 372 -18.92 -14.77 1.28
N LEU B 373 -18.71 -13.57 1.82
CA LEU B 373 -18.37 -13.40 3.22
C LEU B 373 -19.62 -13.09 4.03
N SER B 374 -19.53 -13.39 5.33
CA SER B 374 -20.64 -13.09 6.22
C SER B 374 -20.70 -11.59 6.52
N ARG B 375 -21.78 -11.19 7.21
CA ARG B 375 -21.91 -9.79 7.60
C ARG B 375 -20.84 -9.39 8.61
N LYS B 376 -20.57 -10.27 9.59
CA LYS B 376 -19.55 -9.99 10.58
C LYS B 376 -18.17 -9.87 9.94
N HIS B 377 -17.89 -10.67 8.92
CA HIS B 377 -16.58 -10.65 8.29
C HIS B 377 -16.44 -9.50 7.29
N ALA B 378 -17.52 -9.19 6.56
CA ALA B 378 -17.45 -8.11 5.58
C ALA B 378 -17.26 -6.76 6.26
N VAL B 379 -17.85 -6.57 7.44
CA VAL B 379 -17.68 -5.31 8.15
C VAL B 379 -16.27 -5.18 8.72
N LEU B 380 -15.78 -6.25 9.33
CA LEU B 380 -14.49 -6.18 10.02
C LEU B 380 -13.34 -6.00 9.05
N TRP B 381 -13.40 -6.64 7.88
CA TRP B 381 -12.33 -6.47 6.90
C TRP B 381 -12.40 -5.10 6.24
N THR B 382 -13.62 -4.60 5.97
CA THR B 382 -13.76 -3.24 5.48
C THR B 382 -13.25 -2.24 6.51
N ALA B 383 -13.53 -2.50 7.80
CA ALA B 383 -13.02 -1.63 8.85
C ALA B 383 -11.51 -1.73 8.98
N ALA B 384 -10.92 -2.86 8.57
CA ALA B 384 -9.47 -3.01 8.64
C ALA B 384 -8.78 -2.20 7.55
N ILE B 385 -9.31 -2.23 6.33
CA ILE B 385 -8.73 -1.44 5.24
C ILE B 385 -8.82 0.05 5.57
N VAL B 386 -9.98 0.49 6.06
CA VAL B 386 -10.18 1.90 6.37
C VAL B 386 -9.28 2.33 7.52
N PHE B 387 -9.22 1.53 8.59
CA PHE B 387 -8.38 1.89 9.72
C PHE B 387 -6.90 1.93 9.34
N PHE B 388 -6.44 0.93 8.57
CA PHE B 388 -5.05 0.91 8.14
C PHE B 388 -4.73 2.11 7.26
N SER B 389 -5.57 2.36 6.25
CA SER B 389 -5.31 3.45 5.32
C SER B 389 -5.43 4.82 5.98
N ALA B 390 -6.16 4.92 7.09
CA ALA B 390 -6.37 6.21 7.73
C ALA B 390 -5.09 6.78 8.33
N HIS B 391 -4.07 5.96 8.54
CA HIS B 391 -2.83 6.47 9.13
C HIS B 391 -2.08 7.39 8.19
N LEU B 392 -2.35 7.32 6.89
CA LEU B 392 -1.78 8.29 5.96
C LEU B 392 -2.38 9.67 6.18
N VAL B 393 -3.70 9.76 6.30
CA VAL B 393 -4.33 11.06 6.51
C VAL B 393 -4.16 11.55 7.94
N MET B 394 -3.87 10.66 8.89
CA MET B 394 -3.63 11.08 10.26
C MET B 394 -2.23 11.65 10.47
N PHE B 395 -1.23 11.11 9.77
CA PHE B 395 0.16 11.45 10.06
C PHE B 395 0.91 12.11 8.92
N LEU B 396 0.41 12.09 7.69
CA LEU B 396 1.07 12.72 6.56
C LEU B 396 0.32 13.98 6.17
N ASN B 397 1.01 15.11 6.18
CA ASN B 397 0.38 16.39 5.88
C ASN B 397 -0.11 16.43 4.43
N LYS B 398 -1.28 17.05 4.24
CA LYS B 398 -1.93 17.23 2.94
C LYS B 398 -2.35 15.91 2.28
N SER B 399 -2.22 14.79 2.97
CA SER B 399 -2.70 13.52 2.42
C SER B 399 -4.22 13.46 2.44
N LEU B 400 -4.82 13.93 3.54
CA LEU B 400 -6.28 13.95 3.63
C LEU B 400 -6.88 14.79 2.52
N ASP B 401 -6.29 15.97 2.25
CA ASP B 401 -6.79 16.83 1.19
C ASP B 401 -6.64 16.18 -0.17
N GLU B 402 -5.60 15.38 -0.36
CA GLU B 402 -5.35 14.77 -1.66
C GLU B 402 -6.38 13.69 -1.96
N MET B 403 -6.68 12.83 -0.98
CA MET B 403 -7.73 11.84 -1.17
C MET B 403 -9.08 12.50 -1.41
N ASP B 404 -9.36 13.60 -0.71
CA ASP B 404 -10.64 14.28 -0.86
C ASP B 404 -10.78 14.90 -2.24
N PHE B 405 -9.68 15.25 -2.89
CA PHE B 405 -9.76 15.86 -4.22
C PHE B 405 -9.98 14.81 -5.30
N TRP B 406 -9.20 13.73 -5.27
CA TRP B 406 -9.24 12.77 -6.37
C TRP B 406 -10.49 11.89 -6.30
N ALA B 407 -10.98 11.58 -5.11
CA ALA B 407 -12.20 10.80 -4.95
C ALA B 407 -13.44 11.66 -4.78
N GLY B 408 -13.41 12.65 -3.89
CA GLY B 408 -14.58 13.44 -3.59
C GLY B 408 -14.89 14.52 -4.60
N THR B 409 -13.93 14.88 -5.44
CA THR B 409 -14.14 15.94 -6.43
C THR B 409 -14.00 15.43 -7.85
N ILE B 410 -12.84 14.95 -8.26
CA ILE B 410 -12.64 14.53 -9.64
C ILE B 410 -13.28 13.18 -9.90
N GLY B 411 -13.16 12.25 -8.95
CA GLY B 411 -13.70 10.91 -9.17
C GLY B 411 -15.20 10.90 -9.35
N VAL B 412 -15.92 11.66 -8.53
CA VAL B 412 -17.38 11.61 -8.57
C VAL B 412 -17.92 12.19 -9.86
N VAL B 413 -17.30 13.25 -10.38
CA VAL B 413 -17.76 13.82 -11.64
C VAL B 413 -17.40 12.92 -12.81
N PHE B 414 -16.40 12.07 -12.65
CA PHE B 414 -16.08 11.09 -13.69
C PHE B 414 -17.00 9.88 -13.60
N PHE B 415 -17.18 9.34 -12.39
CA PHE B 415 -18.04 8.17 -12.24
C PHE B 415 -19.51 8.50 -12.48
N GLY B 416 -19.93 9.72 -12.14
CA GLY B 416 -21.29 10.14 -12.48
C GLY B 416 -21.50 10.22 -13.98
N LEU B 417 -20.51 10.74 -14.71
CA LEU B 417 -20.58 10.70 -16.17
C LEU B 417 -20.59 9.28 -16.69
N THR B 418 -19.88 8.37 -16.03
CA THR B 418 -19.84 6.97 -16.47
C THR B 418 -21.19 6.29 -16.29
N GLU B 419 -21.83 6.51 -15.13
CA GLU B 419 -23.18 6.00 -14.94
C GLU B 419 -24.14 6.55 -15.98
N LEU B 420 -23.92 7.79 -16.42
CA LEU B 420 -24.83 8.40 -17.39
C LEU B 420 -24.62 7.82 -18.78
N ILE B 421 -23.37 7.51 -19.14
CA ILE B 421 -23.11 6.97 -20.47
C ILE B 421 -23.66 5.56 -20.61
N ILE B 422 -23.44 4.71 -19.61
CA ILE B 422 -23.86 3.32 -19.73
C ILE B 422 -25.36 3.13 -19.61
N PHE B 423 -26.08 4.09 -19.02
CA PHE B 423 -27.51 3.93 -18.79
C PHE B 423 -28.36 4.67 -19.81
N PHE B 424 -27.82 5.67 -20.50
CA PHE B 424 -28.58 6.42 -21.49
C PHE B 424 -28.01 6.36 -22.90
N TRP B 425 -26.76 5.91 -23.08
CA TRP B 425 -26.19 5.70 -24.41
C TRP B 425 -26.02 4.24 -24.77
N ILE B 426 -25.83 3.36 -23.77
CA ILE B 426 -25.63 1.94 -24.01
C ILE B 426 -26.89 1.14 -23.70
N PHE B 427 -27.43 1.31 -22.48
CA PHE B 427 -28.65 0.61 -22.13
C PHE B 427 -29.85 1.14 -22.92
N GLY B 428 -29.81 2.40 -23.33
CA GLY B 428 -30.89 2.98 -24.10
C GLY B 428 -31.63 4.07 -23.37
N ALA B 429 -31.69 5.26 -23.97
CA ALA B 429 -32.38 6.38 -23.33
C ALA B 429 -33.86 6.10 -23.17
N ASP B 430 -34.50 5.53 -24.20
CA ASP B 430 -35.92 5.23 -24.11
C ASP B 430 -36.21 4.13 -23.09
N LYS B 431 -35.27 3.21 -22.89
CA LYS B 431 -35.44 2.19 -21.86
C LYS B 431 -35.13 2.74 -20.47
N ALA B 432 -34.17 3.67 -20.36
CA ALA B 432 -33.87 4.28 -19.08
C ALA B 432 -34.97 5.25 -18.67
N TRP B 433 -35.50 6.02 -19.63
CA TRP B 433 -36.61 6.91 -19.33
C TRP B 433 -37.83 6.13 -18.83
N GLU B 434 -38.07 4.95 -19.41
CA GLU B 434 -39.14 4.10 -18.95
C GLU B 434 -38.85 3.52 -17.56
N GLU B 435 -37.57 3.37 -17.22
CA GLU B 435 -37.21 2.76 -15.95
C GLU B 435 -37.20 3.77 -14.81
N ILE B 436 -36.93 5.05 -15.12
CA ILE B 436 -36.97 6.08 -14.08
C ILE B 436 -38.41 6.38 -13.69
N ASN B 437 -39.28 6.56 -14.68
CA ASN B 437 -40.67 6.96 -14.45
C ASN B 437 -41.57 5.78 -14.11
N ARG B 438 -41.03 4.57 -13.96
CA ARG B 438 -41.85 3.41 -13.64
C ARG B 438 -42.32 3.50 -12.19
N GLY B 439 -43.64 3.48 -12.00
CA GLY B 439 -44.21 3.52 -10.67
C GLY B 439 -44.12 4.86 -9.96
N GLY B 440 -43.71 5.92 -10.66
CA GLY B 440 -43.58 7.21 -10.01
C GLY B 440 -44.92 7.84 -9.73
N ILE B 441 -45.00 8.55 -8.59
CA ILE B 441 -46.20 9.30 -8.27
C ILE B 441 -46.43 10.40 -9.31
N ILE B 442 -45.38 11.15 -9.61
CA ILE B 442 -45.40 12.10 -10.72
C ILE B 442 -44.39 11.62 -11.77
N LYS B 443 -44.45 12.22 -12.95
CA LYS B 443 -43.54 11.90 -14.03
C LYS B 443 -42.49 12.99 -14.18
N VAL B 444 -41.33 12.59 -14.68
CA VAL B 444 -40.26 13.57 -14.94
C VAL B 444 -40.67 14.43 -16.14
N PRO B 445 -40.50 15.75 -16.07
CA PRO B 445 -40.80 16.58 -17.24
C PRO B 445 -39.95 16.18 -18.44
N ARG B 446 -40.54 16.27 -19.63
CA ARG B 446 -39.88 15.80 -20.84
C ARG B 446 -38.60 16.57 -21.14
N ILE B 447 -38.43 17.76 -20.57
CA ILE B 447 -37.22 18.54 -20.81
C ILE B 447 -35.98 17.82 -20.27
N TYR B 448 -36.16 16.98 -19.24
CA TYR B 448 -35.01 16.28 -18.67
C TYR B 448 -34.57 15.08 -19.50
N TYR B 449 -35.41 14.58 -20.40
CA TYR B 449 -34.97 13.52 -21.29
C TYR B 449 -33.82 14.00 -22.18
N TYR B 450 -33.90 15.25 -22.63
CA TYR B 450 -32.83 15.82 -23.44
C TYR B 450 -31.69 16.36 -22.58
N VAL B 451 -31.95 16.63 -21.30
CA VAL B 451 -30.87 16.99 -20.39
C VAL B 451 -30.04 15.75 -20.06
N MET B 452 -30.70 14.62 -19.79
CA MET B 452 -29.97 13.40 -19.45
C MET B 452 -29.24 12.83 -20.66
N ARG B 453 -29.89 12.82 -21.83
CA ARG B 453 -29.29 12.15 -22.98
C ARG B 453 -28.23 13.01 -23.66
N TYR B 454 -28.44 14.33 -23.74
CA TYR B 454 -27.57 15.19 -24.52
C TYR B 454 -26.81 16.21 -23.67
N ILE B 455 -27.51 16.97 -22.83
CA ILE B 455 -26.89 18.14 -22.20
C ILE B 455 -25.87 17.71 -21.13
N THR B 456 -26.31 16.89 -20.18
CA THR B 456 -25.44 16.54 -19.06
C THR B 456 -24.16 15.82 -19.49
N PRO B 457 -24.20 14.80 -20.37
CA PRO B 457 -22.92 14.17 -20.75
C PRO B 457 -22.01 15.11 -21.52
N ALA B 458 -22.56 15.89 -22.44
CA ALA B 458 -21.74 16.86 -23.17
C ALA B 458 -21.18 17.92 -22.24
N PHE B 459 -21.82 18.14 -21.09
CA PHE B 459 -21.32 19.13 -20.13
C PHE B 459 -20.20 18.53 -19.28
N LEU B 460 -20.40 17.31 -18.80
CA LEU B 460 -19.41 16.71 -17.90
C LEU B 460 -18.15 16.29 -18.66
N ALA B 461 -18.32 15.82 -19.90
CA ALA B 461 -17.17 15.40 -20.69
C ALA B 461 -16.28 16.59 -21.03
N VAL B 462 -16.89 17.69 -21.49
CA VAL B 462 -16.13 18.89 -21.81
C VAL B 462 -15.45 19.43 -20.55
N LEU B 463 -16.16 19.46 -19.43
CA LEU B 463 -15.60 20.00 -18.19
C LEU B 463 -14.37 19.22 -17.76
N LEU B 464 -14.39 17.90 -17.93
CA LEU B 464 -13.23 17.10 -17.54
C LEU B 464 -12.03 17.38 -18.44
N VAL B 465 -12.27 17.58 -19.74
CA VAL B 465 -11.17 17.83 -20.68
C VAL B 465 -10.53 19.18 -20.42
N VAL B 466 -11.35 20.24 -20.36
CA VAL B 466 -10.80 21.58 -20.16
C VAL B 466 -10.14 21.70 -18.79
N TRP B 467 -10.58 20.89 -17.82
CA TRP B 467 -9.90 20.88 -16.53
C TRP B 467 -8.55 20.19 -16.62
N ALA B 468 -8.47 19.12 -17.41
CA ALA B 468 -7.25 18.33 -17.50
C ALA B 468 -6.16 19.00 -18.32
N ARG B 469 -6.50 19.89 -19.24
CA ARG B 469 -5.49 20.61 -19.99
C ARG B 469 -5.18 21.98 -19.40
N GLU B 470 -5.66 22.25 -18.19
CA GLU B 470 -5.29 23.45 -17.45
C GLU B 470 -4.70 23.16 -16.08
N TYR B 471 -4.78 21.92 -15.59
CA TYR B 471 -4.32 21.59 -14.25
C TYR B 471 -3.46 20.33 -14.15
N ILE B 472 -3.54 19.40 -15.13
CA ILE B 472 -2.67 18.22 -15.09
C ILE B 472 -1.20 18.60 -15.10
N PRO B 473 -0.73 19.57 -15.91
CA PRO B 473 0.68 19.97 -15.79
C PRO B 473 1.07 20.46 -14.41
N LYS B 474 0.19 21.19 -13.73
CA LYS B 474 0.49 21.62 -12.36
C LYS B 474 0.43 20.46 -11.38
N ILE B 475 -0.40 19.44 -11.69
CA ILE B 475 -0.49 18.27 -10.82
C ILE B 475 0.79 17.44 -10.90
N MET B 476 1.36 17.31 -12.10
CA MET B 476 2.58 16.52 -12.26
C MET B 476 3.81 17.21 -11.69
N GLU B 477 3.74 18.50 -11.38
CA GLU B 477 4.86 19.24 -10.80
C GLU B 477 4.74 19.37 -9.29
N GLU B 478 4.23 18.34 -8.62
CA GLU B 478 4.11 18.37 -7.17
C GLU B 478 5.48 18.28 -6.52
N THR B 479 5.68 19.10 -5.48
CA THR B 479 6.96 19.15 -4.78
C THR B 479 6.94 18.44 -3.44
N HIS B 480 5.78 17.96 -3.00
CA HIS B 480 5.64 17.29 -1.71
C HIS B 480 5.62 15.79 -1.91
N TRP B 481 6.52 15.08 -1.22
CA TRP B 481 6.51 13.62 -1.30
C TRP B 481 5.28 13.02 -0.64
N THR B 482 4.70 13.74 0.33
CA THR B 482 3.54 13.23 1.05
C THR B 482 2.32 13.11 0.16
N VAL B 483 2.25 13.86 -0.94
CA VAL B 483 1.11 13.75 -1.84
C VAL B 483 1.35 12.71 -2.93
N TRP B 484 2.61 12.48 -3.32
CA TRP B 484 2.89 11.42 -4.28
C TRP B 484 2.66 10.05 -3.66
N ILE B 485 2.99 9.88 -2.38
CA ILE B 485 2.74 8.62 -1.69
C ILE B 485 1.25 8.37 -1.56
N THR B 486 0.47 9.43 -1.35
CA THR B 486 -0.98 9.28 -1.32
C THR B 486 -1.53 8.89 -2.69
N ARG B 487 -1.01 9.52 -3.75
CA ARG B 487 -1.39 9.12 -5.10
C ARG B 487 -0.96 7.70 -5.39
N PHE B 488 0.22 7.30 -4.91
CA PHE B 488 0.69 5.93 -5.08
C PHE B 488 -0.19 4.96 -4.30
N TYR B 489 -0.63 5.36 -3.11
CA TYR B 489 -1.43 4.48 -2.26
C TYR B 489 -2.80 4.22 -2.88
N ILE B 490 -3.47 5.28 -3.35
CA ILE B 490 -4.83 5.11 -3.86
C ILE B 490 -4.84 4.44 -5.23
N ILE B 491 -3.74 4.53 -6.00
CA ILE B 491 -3.62 3.70 -7.19
C ILE B 491 -3.51 2.24 -6.80
N GLY B 492 -2.79 1.95 -5.71
CA GLY B 492 -2.71 0.59 -5.22
C GLY B 492 -4.05 0.05 -4.77
N LEU B 493 -4.89 0.91 -4.19
CA LEU B 493 -6.22 0.48 -3.76
C LEU B 493 -7.10 0.15 -4.95
N PHE B 494 -6.99 0.91 -6.03
CA PHE B 494 -7.79 0.62 -7.22
C PHE B 494 -7.36 -0.69 -7.87
N LEU B 495 -6.05 -0.94 -7.95
CA LEU B 495 -5.55 -2.20 -8.46
C LEU B 495 -5.97 -3.35 -7.54
N PHE B 496 -5.94 -3.13 -6.23
CA PHE B 496 -6.36 -4.14 -5.28
C PHE B 496 -7.83 -4.49 -5.45
N LEU B 497 -8.69 -3.48 -5.62
CA LEU B 497 -10.12 -3.73 -5.80
C LEU B 497 -10.41 -4.34 -7.16
N THR B 498 -9.62 -4.00 -8.19
CA THR B 498 -9.75 -4.68 -9.46
C THR B 498 -9.39 -6.15 -9.35
N PHE B 499 -8.48 -6.49 -8.43
CA PHE B 499 -8.11 -7.89 -8.23
C PHE B 499 -9.23 -8.66 -7.54
N LEU B 500 -9.97 -8.01 -6.64
CA LEU B 500 -11.06 -8.68 -5.94
C LEU B 500 -12.24 -8.91 -6.88
N VAL B 501 -12.52 -7.96 -7.77
CA VAL B 501 -13.56 -8.17 -8.77
C VAL B 501 -13.17 -9.31 -9.70
N PHE B 502 -11.87 -9.42 -10.01
CA PHE B 502 -11.39 -10.55 -10.81
C PHE B 502 -11.61 -11.87 -10.09
N LEU B 503 -11.34 -11.90 -8.78
CA LEU B 503 -11.60 -13.10 -7.99
C LEU B 503 -13.09 -13.40 -7.89
N ALA B 504 -13.95 -12.40 -8.09
CA ALA B 504 -15.39 -12.64 -8.04
C ALA B 504 -15.86 -13.46 -9.23
N GLU B 505 -15.34 -13.15 -10.43
CA GLU B 505 -15.74 -13.87 -11.62
C GLU B 505 -15.28 -15.32 -11.59
N ARG B 506 -14.01 -15.54 -11.24
CA ARG B 506 -13.44 -16.88 -11.21
C ARG B 506 -13.59 -17.52 -9.83
N ARG B 507 -14.83 -17.56 -9.35
CA ARG B 507 -15.12 -18.17 -8.06
C ARG B 507 -16.00 -19.40 -8.23
N PHE C . 18.92 -19.07 -2.49
CA PHE C . 18.81 -18.11 -3.59
C PHE C . 20.03 -17.20 -3.65
O PHE C . 20.92 -17.28 -2.81
CB PHE C . 17.53 -17.27 -3.45
CG PHE C . 16.27 -18.10 -3.44
CD1 PHE C . 15.89 -18.81 -4.56
CD2 PHE C . 15.46 -18.14 -2.31
CE1 PHE C . 14.73 -19.56 -4.56
CE2 PHE C . 14.30 -18.88 -2.31
CZ PHE C . 13.94 -19.60 -3.44
OXT PHE C . 20.16 -16.37 -4.55
NA NA D . 19.49 -19.66 -9.36
NA NA E . 22.66 -19.08 -2.64
N PHE F . -23.59 13.15 1.11
CA PHE F . -22.95 13.00 2.42
C PHE F . -22.46 14.34 2.95
O PHE F . -21.85 14.41 4.01
CB PHE F . -21.79 12.00 2.33
CG PHE F . -22.19 10.65 1.83
CD1 PHE F . -22.88 9.77 2.65
CD2 PHE F . -21.89 10.25 0.54
CE1 PHE F . -23.25 8.52 2.21
CE2 PHE F . -22.26 9.00 0.08
CZ PHE F . -22.94 8.13 0.91
OXT PHE F . -22.66 15.38 2.33
NA NA G . -26.05 11.58 7.58
NA NA H . -25.09 16.34 2.01
#